data_9IJ3
#
_entry.id   9IJ3
#
_cell.length_a   1.00
_cell.length_b   1.00
_cell.length_c   1.00
_cell.angle_alpha   90.00
_cell.angle_beta   90.00
_cell.angle_gamma   90.00
#
_symmetry.space_group_name_H-M   'P 1'
#
loop_
_entity.id
_entity.type
_entity.pdbx_description
1 polymer 'Piwi-like protein 2'
2 polymer 'RNA (26-MER)'
3 polymer 'RNA (25-MER)'
4 non-polymer 'MANGANESE (II) ION'
#
loop_
_entity_poly.entity_id
_entity_poly.type
_entity_poly.pdbx_seq_one_letter_code
_entity_poly.pdbx_strand_id
1 'polypeptide(L)'
;MDPVRPLFRGPTPVHPSQCVRMPGCWPQAPRPLEPAWGRAGPAGRGLVFRKPEDSSPPLQPVQKDSVGLVSMFRGMGLDT
AFRPPSKREVPPLGRGVLGRGLSANMVRKDREEPRSSLPDPSVLAAGDSKLAEASVGWSRMLGRGSSEVSLLPLGRAASS
IGRGMDKPPSAFGLTARDPPRLPQPPALSPTSLHSADPPPVLTMERKEKELLVKQGSKGTPQSLGLNLIKIQCHNEAVYQ
YHVTFSPSVECKSMRFGMLKDHQSVTGNVTAFDGSILYLPVKLQQVVELKSQRKTDDAEISIKIQLTKILEPCSDLCIPF
YNVVFRRVMKLLDMKLVGRNFYDPTSAMVLQQHRLQIWPGYAASIRRTDGGLFLLADVSHKVIRNDSVLDVMHAIYQQNK
EHFQDECSKLLVGSIVITRYNNRTYRIDDVDWNKTPKDSFVMSDGKEITFLEYYSKNYGITVKEDDQPLLIHRPSERQNN
HGMLLKGEILLLPELSFMTGIPEKMKKDFRAMKDLTQQINLSPKQHHGALECLLQRISQNETASNELTRWGLSLHKDVHK
IEGRLLPMERINLRNTSFVTSEDLNWVKEVTRDASILTIPMHFWALFYPKRAMDQARELVNMLEKIAGPIGMRISPPAWV
ELKDDRIETYIRTIQSLLGVEGKIQMVVCIIMGTRDDLYGAIKKLCCVQSPVPSQVINVRTIGQPTRLRSVAQKILLQMN
CKLGGELWGVDIPLKQLMVIGMDVYHDPSRGMRSVVGFVASINLTLTKWYSRVVFQMPHQEIVDSLKLCLVGSLKKYYEV
NHCLPEKIVVYRDGVSDGQLKTVANYEIPQLQKCFEAFDNYHPKMVVFVVQKKISTNLYLAAPDHFVTPSPGTVVDHTIT
SCEWVDFYLLAHHVRQGCGIPTHYICVLNTANLSPDHMQRLTFKLCHMYWNWPGTIRVPAPCKYAHKLAFLSGQILHHEP
AIQLCGNLFFL
;
A
2 'polyribonucleotide' UUACCAUCAACAUGGAAACUUGGCU(OMC) B
3 'polyribonucleotide' GAGCCAAGUUUCCAUGUUGAUGGUA C
#
loop_
_chem_comp.id
_chem_comp.type
_chem_comp.name
_chem_comp.formula
A RNA linking ADENOSINE-5'-MONOPHOSPHATE 'C10 H14 N5 O7 P'
C RNA linking CYTIDINE-5'-MONOPHOSPHATE 'C9 H14 N3 O8 P'
G RNA linking GUANOSINE-5'-MONOPHOSPHATE 'C10 H14 N5 O8 P'
MN non-polymer 'MANGANESE (II) ION' 'Mn 2'
OMC RNA linking O2'-METHYLYCYTIDINE-5'-MONOPHOSPHATE 'C10 H16 N3 O8 P'
U RNA linking URIDINE-5'-MONOPHOSPHATE 'C9 H13 N2 O9 P'
#
# COMPACT_ATOMS: atom_id res chain seq x y z
N PRO A 221 -23.47 15.31 -7.93
CA PRO A 221 -22.71 14.60 -6.89
C PRO A 221 -22.90 13.08 -6.94
N GLN A 222 -22.45 12.40 -5.88
CA GLN A 222 -22.67 10.97 -5.73
C GLN A 222 -23.26 10.72 -4.36
N SER A 223 -24.40 10.04 -4.31
CA SER A 223 -25.04 9.69 -3.04
C SER A 223 -24.48 8.36 -2.55
N LEU A 224 -23.19 8.39 -2.22
CA LEU A 224 -22.51 7.20 -1.74
C LEU A 224 -22.93 6.89 -0.31
N GLY A 225 -22.76 5.62 0.05
CA GLY A 225 -22.92 5.19 1.42
C GLY A 225 -21.58 5.04 2.11
N LEU A 226 -21.66 4.63 3.37
CA LEU A 226 -20.56 4.21 4.22
C LEU A 226 -19.63 5.38 4.52
N ASN A 227 -18.78 5.74 3.57
CA ASN A 227 -17.65 6.71 3.71
C ASN A 227 -16.81 6.25 4.90
N LEU A 228 -16.45 7.14 5.82
CA LEU A 228 -15.97 6.68 7.12
C LEU A 228 -17.13 6.05 7.88
N ILE A 229 -16.85 4.94 8.54
CA ILE A 229 -17.87 4.05 9.08
C ILE A 229 -18.51 4.77 10.28
N LYS A 230 -19.59 4.18 10.82
CA LYS A 230 -20.53 4.80 11.78
C LYS A 230 -19.89 5.61 12.90
N ILE A 231 -20.61 6.65 13.32
CA ILE A 231 -20.18 7.50 14.43
C ILE A 231 -20.23 6.69 15.72
N GLN A 232 -19.14 6.75 16.50
CA GLN A 232 -19.09 6.11 17.82
C GLN A 232 -18.94 7.21 18.87
N CYS A 233 -20.06 7.70 19.37
CA CYS A 233 -20.05 8.73 20.41
C CYS A 233 -19.59 8.14 21.74
N HIS A 234 -18.81 8.91 22.49
CA HIS A 234 -18.18 8.44 23.72
C HIS A 234 -18.55 9.35 24.89
N ASN A 235 -17.95 9.08 26.04
CA ASN A 235 -18.21 9.82 27.27
C ASN A 235 -16.92 10.35 27.90
N GLU A 236 -17.01 10.84 29.13
CA GLU A 236 -15.92 11.53 29.81
C GLU A 236 -15.52 10.76 31.07
N ALA A 237 -14.70 11.42 31.90
CA ALA A 237 -14.22 10.93 33.20
C ALA A 237 -13.41 9.64 33.05
N VAL A 238 -12.26 9.78 32.39
CA VAL A 238 -11.27 8.73 32.28
C VAL A 238 -10.16 9.06 33.28
N TYR A 239 -9.40 8.04 33.69
CA TYR A 239 -8.23 8.24 34.53
C TYR A 239 -7.17 7.21 34.17
N GLN A 240 -5.94 7.68 33.94
CA GLN A 240 -4.83 6.87 33.45
C GLN A 240 -3.91 6.48 34.60
N TYR A 241 -3.76 5.17 34.82
CA TYR A 241 -2.90 4.59 35.82
C TYR A 241 -1.89 3.68 35.14
N HIS A 242 -0.75 3.46 35.78
CA HIS A 242 0.24 2.51 35.30
C HIS A 242 0.37 1.39 36.33
N VAL A 243 -0.20 0.24 35.99
CA VAL A 243 -0.14 -0.93 36.88
C VAL A 243 1.21 -1.61 36.72
N THR A 244 1.95 -1.69 37.82
CA THR A 244 3.21 -2.43 37.86
C THR A 244 2.98 -3.74 38.61
N PHE A 245 3.41 -4.85 38.02
CA PHE A 245 3.26 -6.16 38.61
C PHE A 245 4.60 -6.61 39.19
N SER A 246 4.59 -7.03 40.45
CA SER A 246 5.81 -7.47 41.14
C SER A 246 5.56 -8.84 41.74
N PRO A 247 6.05 -9.93 41.12
CA PRO A 247 6.81 -10.01 39.86
C PRO A 247 5.96 -9.77 38.62
N SER A 248 6.59 -9.36 37.52
CA SER A 248 5.83 -8.99 36.32
C SER A 248 5.32 -10.23 35.60
N VAL A 249 4.02 -10.25 35.34
CA VAL A 249 3.40 -11.28 34.52
C VAL A 249 3.45 -10.82 33.07
N GLU A 250 3.90 -11.70 32.17
CA GLU A 250 4.09 -11.35 30.77
C GLU A 250 2.87 -11.67 29.91
N CYS A 251 1.74 -12.00 30.52
CA CYS A 251 0.54 -12.40 29.81
C CYS A 251 -0.53 -11.34 29.98
N LYS A 252 -1.10 -10.88 28.86
CA LYS A 252 -2.16 -9.88 28.93
C LYS A 252 -3.44 -10.47 29.51
N SER A 253 -3.75 -11.72 29.16
CA SER A 253 -5.01 -12.33 29.58
C SER A 253 -5.04 -12.58 31.08
N MET A 254 -3.94 -13.09 31.64
CA MET A 254 -3.92 -13.38 33.08
C MET A 254 -3.86 -12.09 33.90
N ARG A 255 -3.13 -11.09 33.42
CA ARG A 255 -3.13 -9.78 34.08
C ARG A 255 -4.52 -9.15 34.05
N PHE A 256 -5.23 -9.30 32.92
CA PHE A 256 -6.62 -8.84 32.85
C PHE A 256 -7.50 -9.61 33.82
N GLY A 257 -7.23 -10.92 33.97
CA GLY A 257 -7.98 -11.71 34.94
C GLY A 257 -7.76 -11.28 36.37
N MET A 258 -6.51 -10.95 36.73
CA MET A 258 -6.22 -10.43 38.06
C MET A 258 -6.90 -9.07 38.29
N LEU A 259 -6.86 -8.18 37.31
CA LEU A 259 -7.48 -6.88 37.52
C LEU A 259 -9.00 -6.91 37.37
N LYS A 260 -9.58 -7.99 36.85
CA LYS A 260 -11.01 -8.19 36.96
C LYS A 260 -11.38 -8.87 38.27
N ASP A 261 -10.47 -9.68 38.82
CA ASP A 261 -10.68 -10.25 40.15
C ASP A 261 -10.64 -9.18 41.22
N HIS A 262 -9.80 -8.16 41.04
CA HIS A 262 -9.67 -7.07 41.99
C HIS A 262 -10.66 -5.93 41.71
N GLN A 263 -11.82 -6.25 41.14
CA GLN A 263 -12.85 -5.26 40.84
C GLN A 263 -13.47 -4.63 42.08
N SER A 264 -13.24 -5.20 43.27
CA SER A 264 -13.71 -4.58 44.51
C SER A 264 -13.02 -3.24 44.76
N VAL A 265 -11.72 -3.17 44.46
CA VAL A 265 -10.95 -1.96 44.67
C VAL A 265 -10.77 -1.16 43.39
N THR A 266 -10.54 -1.83 42.25
CA THR A 266 -10.37 -1.08 41.01
C THR A 266 -11.69 -0.70 40.35
N GLY A 267 -12.83 -1.11 40.92
CA GLY A 267 -14.12 -0.72 40.41
C GLY A 267 -14.71 -1.75 39.47
N ASN A 268 -15.96 -1.51 39.08
CA ASN A 268 -16.70 -2.45 38.25
C ASN A 268 -16.12 -2.53 36.84
N VAL A 269 -15.77 -1.38 36.27
CA VAL A 269 -15.33 -1.30 34.88
C VAL A 269 -13.88 -0.82 34.82
N THR A 270 -13.03 -1.62 34.17
CA THR A 270 -11.63 -1.30 33.95
C THR A 270 -11.34 -1.43 32.45
N ALA A 271 -10.39 -0.64 31.97
CA ALA A 271 -9.84 -0.82 30.61
C ALA A 271 -8.35 -1.08 30.77
N PHE A 272 -7.92 -2.32 30.54
CA PHE A 272 -6.55 -2.70 30.79
C PHE A 272 -5.85 -3.12 29.50
N ASP A 273 -4.66 -2.58 29.27
CA ASP A 273 -3.88 -2.86 28.07
C ASP A 273 -2.84 -3.96 28.28
N GLY A 274 -2.45 -4.21 29.53
CA GLY A 274 -1.35 -5.11 29.82
C GLY A 274 -0.36 -4.47 30.76
N SER A 275 -0.16 -3.16 30.60
CA SER A 275 0.65 -2.39 31.53
C SER A 275 0.04 -1.05 31.93
N ILE A 276 -0.89 -0.49 31.16
CA ILE A 276 -1.48 0.81 31.42
C ILE A 276 -2.99 0.63 31.48
N LEU A 277 -3.63 1.21 32.50
CA LEU A 277 -5.02 0.94 32.81
C LEU A 277 -5.80 2.25 32.92
N TYR A 278 -7.11 2.15 32.70
CA TYR A 278 -7.99 3.30 32.67
C TYR A 278 -9.22 2.98 33.53
N LEU A 279 -9.58 3.92 34.40
CA LEU A 279 -10.74 3.77 35.28
C LEU A 279 -11.61 5.01 35.21
N PRO A 280 -12.91 4.88 35.48
CA PRO A 280 -13.79 6.05 35.55
C PRO A 280 -13.79 6.77 36.89
N VAL A 281 -13.09 6.27 37.89
CA VAL A 281 -13.09 6.85 39.23
C VAL A 281 -11.66 7.13 39.65
N LYS A 282 -11.46 8.26 40.32
CA LYS A 282 -10.12 8.68 40.76
C LYS A 282 -9.74 7.90 42.02
N LEU A 283 -8.71 7.08 41.91
CA LEU A 283 -8.18 6.35 43.05
C LEU A 283 -7.18 7.23 43.79
N GLN A 284 -6.43 6.64 44.72
CA GLN A 284 -5.33 7.35 45.35
C GLN A 284 -4.05 7.12 44.55
N GLN A 285 -2.99 7.85 44.93
CA GLN A 285 -1.78 7.92 44.12
C GLN A 285 -1.05 6.58 44.05
N VAL A 286 -0.95 5.88 45.18
CA VAL A 286 -0.26 4.60 45.24
C VAL A 286 -1.25 3.58 45.79
N VAL A 287 -1.51 2.53 45.04
CA VAL A 287 -2.40 1.45 45.46
C VAL A 287 -1.62 0.14 45.40
N GLU A 288 -1.58 -0.57 46.52
CA GLU A 288 -0.89 -1.84 46.60
C GLU A 288 -1.91 -2.95 46.83
N LEU A 289 -1.93 -3.93 45.94
CA LEU A 289 -2.84 -5.06 46.02
C LEU A 289 -2.04 -6.35 46.14
N LYS A 290 -2.61 -7.32 46.84
CA LYS A 290 -1.97 -8.63 47.00
C LYS A 290 -2.81 -9.66 46.25
N SER A 291 -2.42 -9.96 45.03
CA SER A 291 -3.16 -10.89 44.18
C SER A 291 -2.48 -12.26 44.17
N GLN A 292 -3.26 -13.26 43.78
CA GLN A 292 -2.79 -14.64 43.73
C GLN A 292 -2.79 -15.11 42.28
N ARG A 293 -1.65 -15.66 41.85
CA ARG A 293 -1.57 -16.26 40.52
C ARG A 293 -2.37 -17.55 40.50
N LYS A 294 -3.18 -17.74 39.45
CA LYS A 294 -4.08 -18.88 39.37
C LYS A 294 -3.40 -20.16 38.88
N THR A 295 -2.07 -20.21 38.84
CA THR A 295 -1.34 -21.37 38.36
C THR A 295 -0.49 -22.02 39.43
N ASP A 296 0.30 -21.23 40.18
CA ASP A 296 1.18 -21.78 41.22
C ASP A 296 0.89 -21.19 42.59
N ASP A 297 -0.24 -20.48 42.73
CA ASP A 297 -0.61 -19.74 43.94
C ASP A 297 0.48 -18.77 44.35
N ALA A 298 1.07 -18.08 43.37
CA ALA A 298 2.14 -17.13 43.63
C ALA A 298 1.54 -15.81 44.11
N GLU A 299 1.89 -15.41 45.32
CA GLU A 299 1.43 -14.15 45.89
C GLU A 299 2.23 -13.01 45.28
N ILE A 300 1.60 -12.23 44.40
CA ILE A 300 2.28 -11.11 43.76
C ILE A 300 1.62 -9.81 44.17
N SER A 301 2.37 -8.72 44.03
CA SER A 301 1.91 -7.41 44.44
C SER A 301 1.64 -6.55 43.21
N ILE A 302 0.42 -6.04 43.13
CA ILE A 302 -0.01 -5.13 42.07
C ILE A 302 0.22 -3.71 42.55
N LYS A 303 0.93 -2.92 41.74
CA LYS A 303 1.33 -1.55 42.07
C LYS A 303 0.61 -0.62 41.10
N ILE A 304 -0.52 -0.07 41.53
CA ILE A 304 -1.28 0.88 40.72
C ILE A 304 -0.77 2.28 41.04
N GLN A 305 -0.16 2.92 40.03
CA GLN A 305 0.27 4.30 40.10
C GLN A 305 -0.92 5.21 39.82
N LEU A 306 -0.65 6.50 39.57
CA LEU A 306 -1.69 7.42 39.11
C LEU A 306 -0.98 8.48 38.26
N THR A 307 -1.10 8.35 36.94
CA THR A 307 -0.33 9.21 36.06
C THR A 307 -1.13 10.36 35.46
N LYS A 308 -2.20 10.10 34.71
CA LYS A 308 -2.81 11.15 33.92
C LYS A 308 -4.31 11.26 34.19
N ILE A 309 -4.83 12.44 33.86
CA ILE A 309 -6.23 12.77 34.09
C ILE A 309 -7.08 12.59 32.84
N LEU A 310 -6.58 13.06 31.68
CA LEU A 310 -7.24 12.89 30.37
C LEU A 310 -8.67 13.43 30.36
N GLU A 311 -8.84 14.62 30.94
CA GLU A 311 -10.19 15.21 31.05
C GLU A 311 -10.85 15.56 29.72
N PRO A 312 -10.24 16.31 28.78
CA PRO A 312 -11.05 16.84 27.66
C PRO A 312 -11.41 15.82 26.58
N CYS A 313 -11.04 14.54 26.75
CA CYS A 313 -11.32 13.46 25.79
C CYS A 313 -10.77 13.78 24.40
N SER A 314 -9.52 14.20 24.37
CA SER A 314 -8.83 14.60 23.15
C SER A 314 -8.26 13.36 22.44
N ASP A 315 -7.30 13.60 21.54
CA ASP A 315 -6.58 12.53 20.83
C ASP A 315 -5.86 11.62 21.83
N LEU A 316 -5.56 12.14 23.03
CA LEU A 316 -4.96 11.34 24.10
C LEU A 316 -5.84 10.16 24.52
N CYS A 317 -7.16 10.28 24.39
CA CYS A 317 -8.08 9.22 24.79
C CYS A 317 -8.30 8.17 23.71
N ILE A 318 -7.75 8.37 22.51
CA ILE A 318 -7.99 7.42 21.41
C ILE A 318 -7.44 6.02 21.68
N PRO A 319 -6.20 5.83 22.18
CA PRO A 319 -5.75 4.45 22.47
C PRO A 319 -6.60 3.72 23.50
N PHE A 320 -7.11 4.43 24.51
CA PHE A 320 -8.01 3.82 25.47
C PHE A 320 -9.33 3.42 24.82
N TYR A 321 -9.82 4.26 23.89
CA TYR A 321 -11.02 3.95 23.12
C TYR A 321 -10.85 2.67 22.31
N ASN A 322 -9.69 2.55 21.65
CA ASN A 322 -9.40 1.34 20.90
C ASN A 322 -9.23 0.13 21.81
N VAL A 323 -8.74 0.34 23.04
CA VAL A 323 -8.59 -0.77 23.98
C VAL A 323 -9.95 -1.31 24.41
N VAL A 324 -10.87 -0.42 24.80
CA VAL A 324 -12.18 -0.90 25.25
C VAL A 324 -12.96 -1.52 24.09
N PHE A 325 -12.85 -0.93 22.89
CA PHE A 325 -13.56 -1.54 21.77
C PHE A 325 -12.90 -2.83 21.30
N ARG A 326 -11.59 -2.98 21.52
CA ARG A 326 -10.95 -4.25 21.20
C ARG A 326 -11.37 -5.35 22.16
N ARG A 327 -11.58 -5.00 23.43
CA ARG A 327 -12.17 -6.01 24.33
C ARG A 327 -13.62 -6.30 23.97
N VAL A 328 -14.35 -5.27 23.50
CA VAL A 328 -15.73 -5.46 23.03
C VAL A 328 -15.76 -6.48 21.89
N MET A 329 -14.81 -6.38 20.97
CA MET A 329 -14.61 -7.43 19.97
C MET A 329 -14.20 -8.76 20.60
N LYS A 330 -13.35 -8.71 21.64
CA LYS A 330 -12.75 -9.92 22.19
C LYS A 330 -13.78 -10.83 22.85
N LEU A 331 -14.72 -10.27 23.59
CA LEU A 331 -15.68 -11.11 24.31
C LEU A 331 -16.90 -11.45 23.47
N LEU A 332 -16.91 -11.10 22.18
CA LEU A 332 -17.82 -11.65 21.19
C LEU A 332 -17.33 -12.97 20.60
N ASP A 333 -16.37 -13.63 21.27
CA ASP A 333 -15.68 -14.82 20.78
C ASP A 333 -15.03 -14.57 19.42
N MET A 334 -14.48 -13.39 19.22
CA MET A 334 -13.70 -13.05 18.04
C MET A 334 -12.23 -13.09 18.39
N LYS A 335 -11.45 -13.86 17.64
CA LYS A 335 -10.03 -13.96 17.89
C LYS A 335 -9.29 -12.71 17.41
N LEU A 336 -8.26 -12.35 18.15
CA LEU A 336 -7.40 -11.22 17.81
C LEU A 336 -6.25 -11.73 16.97
N VAL A 337 -6.19 -11.31 15.70
CA VAL A 337 -5.08 -11.63 14.81
C VAL A 337 -4.55 -10.33 14.24
N GLY A 338 -3.25 -10.11 14.37
CA GLY A 338 -2.66 -8.86 13.92
C GLY A 338 -3.20 -7.68 14.70
N ARG A 339 -3.71 -6.69 13.98
CA ARG A 339 -4.40 -5.57 14.58
C ARG A 339 -5.91 -5.71 14.52
N ASN A 340 -6.44 -6.83 14.03
CA ASN A 340 -7.85 -6.94 13.73
C ASN A 340 -8.47 -8.11 14.49
N PHE A 341 -9.79 -8.14 14.48
CA PHE A 341 -10.57 -9.15 15.16
C PHE A 341 -11.42 -9.92 14.16
N TYR A 342 -11.44 -11.24 14.28
CA TYR A 342 -12.02 -12.11 13.27
C TYR A 342 -12.97 -13.11 13.93
N ASP A 343 -13.99 -13.52 13.17
CA ASP A 343 -15.08 -14.33 13.69
C ASP A 343 -14.94 -15.78 13.25
N PRO A 344 -14.60 -16.71 14.15
CA PRO A 344 -14.51 -18.13 13.75
C PRO A 344 -15.84 -18.81 13.51
N THR A 345 -16.96 -18.22 13.96
CA THR A 345 -18.27 -18.83 13.73
C THR A 345 -18.76 -18.63 12.30
N SER A 346 -18.11 -17.76 11.52
CA SER A 346 -18.40 -17.58 10.11
C SER A 346 -17.45 -18.36 9.22
N ALA A 347 -17.10 -19.58 9.64
CA ALA A 347 -15.98 -20.34 9.09
C ALA A 347 -16.18 -20.68 7.62
N MET A 348 -15.16 -20.39 6.82
CA MET A 348 -15.03 -20.87 5.45
C MET A 348 -13.72 -21.65 5.41
N VAL A 349 -13.83 -22.97 5.57
CA VAL A 349 -12.67 -23.85 5.69
C VAL A 349 -12.49 -24.61 4.38
N LEU A 350 -11.25 -24.65 3.89
CA LEU A 350 -10.87 -25.44 2.73
C LEU A 350 -9.95 -26.54 3.24
N GLN A 351 -10.48 -27.76 3.30
CA GLN A 351 -9.70 -28.91 3.73
C GLN A 351 -8.75 -29.41 2.65
N GLN A 352 -8.92 -28.94 1.41
CA GLN A 352 -7.97 -29.26 0.35
C GLN A 352 -6.58 -28.71 0.67
N HIS A 353 -6.52 -27.49 1.18
CA HIS A 353 -5.28 -26.88 1.64
C HIS A 353 -5.31 -26.65 3.15
N ARG A 354 -6.15 -27.41 3.86
CA ARG A 354 -6.26 -27.53 5.31
C ARG A 354 -6.34 -26.20 6.07
N LEU A 355 -6.78 -25.13 5.41
CA LEU A 355 -6.76 -23.79 5.99
C LEU A 355 -8.19 -23.28 6.17
N GLN A 356 -8.30 -22.15 6.86
CA GLN A 356 -9.57 -21.47 7.06
C GLN A 356 -9.37 -20.00 6.68
N ILE A 357 -10.43 -19.40 6.17
CA ILE A 357 -10.27 -18.13 5.45
C ILE A 357 -11.14 -17.18 6.27
N TRP A 358 -11.11 -17.34 7.61
CA TRP A 358 -12.30 -16.86 8.30
C TRP A 358 -12.28 -15.33 8.47
N PRO A 359 -13.44 -14.69 8.31
CA PRO A 359 -13.46 -13.25 8.08
C PRO A 359 -13.48 -12.47 9.39
N GLY A 360 -13.54 -11.15 9.23
CA GLY A 360 -13.57 -10.28 10.38
C GLY A 360 -13.50 -8.84 9.93
N TYR A 361 -13.10 -7.98 10.85
CA TYR A 361 -13.21 -6.54 10.67
C TYR A 361 -11.97 -5.87 11.23
N ALA A 362 -11.47 -4.86 10.50
CA ALA A 362 -10.27 -4.14 10.90
C ALA A 362 -10.70 -2.84 11.58
N ALA A 363 -11.04 -2.95 12.87
CA ALA A 363 -11.65 -1.86 13.61
C ALA A 363 -10.59 -1.01 14.31
N SER A 364 -10.76 0.31 14.17
CA SER A 364 -9.87 1.31 14.76
C SER A 364 -10.65 2.60 14.91
N ILE A 365 -10.68 3.17 16.11
CA ILE A 365 -11.36 4.43 16.30
C ILE A 365 -10.43 5.57 15.93
N ARG A 366 -10.90 6.46 15.05
CA ARG A 366 -10.13 7.59 14.59
C ARG A 366 -10.95 8.87 14.76
N ARG A 367 -10.28 10.00 14.60
CA ARG A 367 -10.90 11.31 14.69
C ARG A 367 -10.67 12.05 13.38
N THR A 368 -11.75 12.53 12.77
CA THR A 368 -11.67 13.26 11.50
C THR A 368 -12.52 14.52 11.64
N ASP A 369 -12.72 15.21 10.50
CA ASP A 369 -13.42 16.48 10.50
C ASP A 369 -14.87 16.33 10.93
N GLY A 370 -15.51 15.21 10.58
CA GLY A 370 -16.85 14.94 11.05
C GLY A 370 -16.91 14.60 12.53
N GLY A 371 -15.80 14.17 13.12
CA GLY A 371 -15.79 13.85 14.53
C GLY A 371 -15.18 12.51 14.84
N LEU A 372 -15.72 11.84 15.85
CA LEU A 372 -15.16 10.59 16.36
C LEU A 372 -15.83 9.42 15.65
N PHE A 373 -15.08 8.74 14.78
CA PHE A 373 -15.61 7.63 14.02
C PHE A 373 -14.86 6.36 14.41
N LEU A 374 -15.47 5.23 14.09
CA LEU A 374 -14.84 3.91 14.21
C LEU A 374 -14.73 3.35 12.80
N LEU A 375 -13.51 3.19 12.30
CA LEU A 375 -13.28 2.66 10.97
C LEU A 375 -13.08 1.15 11.04
N ALA A 376 -13.96 0.40 10.40
CA ALA A 376 -13.87 -1.05 10.32
C ALA A 376 -14.27 -1.48 8.92
N ASP A 377 -13.35 -2.14 8.21
CA ASP A 377 -13.65 -2.73 6.91
C ASP A 377 -13.43 -4.24 7.00
N VAL A 378 -14.04 -4.94 6.04
CA VAL A 378 -14.08 -6.40 6.05
C VAL A 378 -12.69 -6.94 5.73
N SER A 379 -12.01 -7.46 6.73
CA SER A 379 -10.73 -8.14 6.56
C SER A 379 -10.95 -9.63 6.73
N HIS A 380 -10.41 -10.42 5.80
CA HIS A 380 -10.47 -11.87 5.87
C HIS A 380 -9.11 -12.39 6.32
N LYS A 381 -9.10 -13.17 7.39
CA LYS A 381 -7.83 -13.65 7.93
C LYS A 381 -7.60 -15.08 7.49
N VAL A 382 -6.44 -15.30 6.86
CA VAL A 382 -6.01 -16.59 6.36
C VAL A 382 -5.31 -17.30 7.52
N ILE A 383 -6.05 -18.13 8.24
CA ILE A 383 -5.47 -18.90 9.33
C ILE A 383 -5.26 -20.31 8.81
N ARG A 384 -4.01 -20.73 8.69
CA ARG A 384 -3.72 -22.12 8.36
C ARG A 384 -4.12 -22.96 9.57
N ASN A 385 -5.12 -23.84 9.40
CA ASN A 385 -5.61 -24.64 10.52
C ASN A 385 -4.66 -25.80 10.81
N ASP A 386 -3.41 -25.44 11.07
CA ASP A 386 -2.33 -26.37 11.41
C ASP A 386 -1.23 -25.49 11.97
N SER A 387 -0.74 -25.82 13.15
CA SER A 387 0.32 -25.02 13.77
C SER A 387 1.61 -25.17 12.98
N VAL A 388 2.57 -24.30 13.31
CA VAL A 388 3.91 -24.42 12.75
C VAL A 388 4.52 -25.75 13.16
N LEU A 389 4.29 -26.16 14.41
CA LEU A 389 4.66 -27.50 14.85
C LEU A 389 3.91 -28.57 14.05
N ASP A 390 2.62 -28.35 13.79
CA ASP A 390 1.88 -29.26 12.93
C ASP A 390 2.37 -29.19 11.48
N VAL A 391 2.92 -28.05 11.06
CA VAL A 391 3.48 -27.96 9.72
C VAL A 391 4.74 -28.81 9.60
N MET A 392 5.65 -28.75 10.60
CA MET A 392 6.81 -29.61 10.53
C MET A 392 6.43 -31.08 10.73
N HIS A 393 5.35 -31.35 11.47
CA HIS A 393 4.85 -32.72 11.58
C HIS A 393 4.34 -33.23 10.24
N ALA A 394 3.63 -32.39 9.49
CA ALA A 394 3.15 -32.77 8.16
C ALA A 394 4.31 -32.96 7.19
N ILE A 395 5.32 -32.10 7.28
CA ILE A 395 6.50 -32.24 6.41
C ILE A 395 7.25 -33.52 6.75
N TYR A 396 7.38 -33.83 8.05
CA TYR A 396 7.99 -35.08 8.48
C TYR A 396 7.19 -36.29 8.02
N GLN A 397 5.87 -36.15 7.94
CA GLN A 397 5.05 -37.19 7.32
C GLN A 397 5.36 -37.32 5.83
N GLN A 398 5.59 -36.19 5.15
CA GLN A 398 5.94 -36.26 3.73
C GLN A 398 7.39 -36.65 3.54
N ASN A 399 8.32 -35.85 4.04
CA ASN A 399 9.75 -36.07 3.85
C ASN A 399 10.43 -36.29 5.20
N LYS A 400 11.17 -37.40 5.31
CA LYS A 400 11.84 -37.76 6.55
C LYS A 400 13.35 -37.92 6.39
N GLU A 401 13.91 -37.33 5.33
CA GLU A 401 15.36 -37.38 5.09
C GLU A 401 16.01 -36.02 5.18
N HIS A 402 15.52 -35.04 4.43
CA HIS A 402 16.00 -33.66 4.48
C HIS A 402 14.90 -32.75 5.00
N PHE A 403 14.22 -33.20 6.05
CA PHE A 403 13.10 -32.47 6.63
C PHE A 403 13.53 -31.13 7.20
N GLN A 404 14.67 -31.10 7.90
CA GLN A 404 15.11 -29.90 8.60
C GLN A 404 15.42 -28.76 7.63
N ASP A 405 16.10 -29.06 6.53
CA ASP A 405 16.53 -28.02 5.60
C ASP A 405 15.34 -27.41 4.86
N GLU A 406 14.44 -28.26 4.35
CA GLU A 406 13.29 -27.73 3.62
C GLU A 406 12.29 -27.06 4.57
N CYS A 407 12.19 -27.53 5.82
CA CYS A 407 11.36 -26.84 6.80
C CYS A 407 11.93 -25.47 7.12
N SER A 408 13.26 -25.37 7.27
CA SER A 408 13.89 -24.07 7.51
C SER A 408 13.73 -23.14 6.32
N LYS A 409 13.82 -23.68 5.10
CA LYS A 409 13.62 -22.86 3.90
C LYS A 409 12.18 -22.36 3.82
N LEU A 410 11.20 -23.19 4.15
CA LEU A 410 9.81 -22.77 4.12
C LEU A 410 9.53 -21.72 5.20
N LEU A 411 10.07 -21.91 6.40
CA LEU A 411 9.73 -21.02 7.51
C LEU A 411 10.45 -19.67 7.41
N VAL A 412 11.69 -19.65 6.93
CA VAL A 412 12.45 -18.40 6.93
C VAL A 412 11.96 -17.50 5.80
N GLY A 413 11.55 -16.29 6.15
CA GLY A 413 11.07 -15.31 5.18
C GLY A 413 9.61 -14.95 5.36
N SER A 414 8.77 -15.95 5.58
CA SER A 414 7.36 -15.74 5.91
C SER A 414 7.20 -15.88 7.42
N ILE A 415 6.31 -15.08 8.00
CA ILE A 415 6.34 -14.96 9.45
C ILE A 415 5.62 -16.15 10.04
N VAL A 416 5.69 -16.26 11.36
CA VAL A 416 4.68 -16.98 12.13
C VAL A 416 4.03 -15.97 13.06
N ILE A 417 2.87 -16.35 13.59
CA ILE A 417 2.15 -15.51 14.55
C ILE A 417 1.92 -16.31 15.82
N THR A 418 2.33 -15.76 16.96
CA THR A 418 2.01 -16.37 18.25
C THR A 418 0.63 -15.90 18.68
N ARG A 419 -0.26 -16.87 18.93
CA ARG A 419 -1.66 -16.58 19.17
C ARG A 419 -1.97 -16.25 20.62
N TYR A 420 -1.07 -16.55 21.55
CA TYR A 420 -1.30 -16.17 22.95
C TYR A 420 -1.14 -14.67 23.15
N ASN A 421 -0.37 -14.00 22.28
CA ASN A 421 -0.25 -12.55 22.34
C ASN A 421 -0.37 -11.92 20.95
N ASN A 422 -0.95 -12.65 20.00
CA ASN A 422 -1.23 -12.31 18.59
C ASN A 422 -0.07 -11.61 17.87
N ARG A 423 1.16 -11.88 18.30
CA ARG A 423 2.30 -11.11 17.86
C ARG A 423 3.03 -11.83 16.74
N THR A 424 3.35 -11.10 15.67
CA THR A 424 3.89 -11.65 14.45
C THR A 424 5.41 -11.52 14.44
N TYR A 425 6.11 -12.61 14.15
CA TYR A 425 7.57 -12.56 14.13
C TYR A 425 8.10 -13.23 12.87
N ARG A 426 9.08 -12.58 12.23
CA ARG A 426 9.77 -13.16 11.09
C ARG A 426 10.73 -14.24 11.55
N ILE A 427 10.70 -15.38 10.87
CA ILE A 427 11.58 -16.48 11.25
C ILE A 427 12.96 -16.18 10.69
N ASP A 428 13.77 -15.52 11.50
CA ASP A 428 15.15 -15.29 11.09
C ASP A 428 15.96 -16.58 11.11
N ASP A 429 15.75 -17.44 12.11
CA ASP A 429 16.48 -18.70 12.14
C ASP A 429 15.65 -19.66 12.99
N VAL A 430 15.93 -20.96 12.86
CA VAL A 430 15.28 -21.98 13.65
C VAL A 430 16.34 -22.79 14.39
N ASP A 431 16.22 -22.87 15.72
CA ASP A 431 17.18 -23.56 16.56
C ASP A 431 16.58 -24.92 16.95
N TRP A 432 17.14 -25.98 16.37
CA TRP A 432 16.70 -27.34 16.64
C TRP A 432 17.37 -27.95 17.85
N ASN A 433 18.51 -27.41 18.27
CA ASN A 433 19.15 -27.80 19.52
C ASN A 433 18.44 -27.20 20.73
N LYS A 434 17.90 -25.98 20.58
CA LYS A 434 17.18 -25.34 21.67
C LYS A 434 15.85 -26.07 21.92
N THR A 435 15.54 -26.28 23.20
CA THR A 435 14.37 -27.03 23.63
C THR A 435 13.59 -26.20 24.64
N PRO A 436 12.26 -26.36 24.70
CA PRO A 436 11.51 -25.65 25.75
C PRO A 436 11.82 -26.12 27.17
N LYS A 437 12.36 -27.33 27.33
CA LYS A 437 12.76 -27.79 28.65
C LYS A 437 13.96 -27.02 29.18
N ASP A 438 14.80 -26.51 28.28
CA ASP A 438 15.92 -25.66 28.68
C ASP A 438 15.41 -24.33 29.22
N SER A 439 16.20 -23.74 30.12
CA SER A 439 15.80 -22.55 30.84
C SER A 439 16.46 -21.30 30.27
N PHE A 440 15.72 -20.19 30.33
CA PHE A 440 16.19 -18.88 29.92
C PHE A 440 15.93 -17.86 31.02
N VAL A 441 16.51 -16.67 30.89
CA VAL A 441 16.40 -15.62 31.89
C VAL A 441 15.53 -14.50 31.31
N MET A 442 14.61 -13.99 32.13
CA MET A 442 13.78 -12.88 31.70
C MET A 442 14.58 -11.57 31.70
N SER A 443 13.93 -10.51 31.21
CA SER A 443 14.50 -9.18 31.35
C SER A 443 14.47 -8.70 32.80
N ASP A 444 13.54 -9.23 33.61
CA ASP A 444 13.48 -8.85 35.02
C ASP A 444 14.60 -9.50 35.82
N GLY A 445 15.07 -10.68 35.41
CA GLY A 445 16.19 -11.32 36.08
C GLY A 445 15.86 -12.64 36.76
N LYS A 446 14.93 -13.40 36.20
CA LYS A 446 14.51 -14.67 36.77
C LYS A 446 14.82 -15.82 35.81
N GLU A 447 15.38 -16.90 36.36
CA GLU A 447 15.74 -18.10 35.61
C GLU A 447 14.55 -19.04 35.59
N ILE A 448 13.96 -19.27 34.41
CA ILE A 448 12.74 -20.07 34.31
C ILE A 448 12.77 -20.85 32.99
N THR A 449 12.02 -21.94 32.96
CA THR A 449 11.91 -22.75 31.75
C THR A 449 10.65 -22.36 30.97
N PHE A 450 10.64 -22.73 29.68
CA PHE A 450 9.58 -22.30 28.78
C PHE A 450 8.24 -22.93 29.14
N LEU A 451 8.25 -24.21 29.53
CA LEU A 451 7.04 -24.81 30.10
C LEU A 451 6.59 -24.05 31.33
N GLU A 452 7.53 -23.74 32.22
CA GLU A 452 7.21 -22.96 33.41
C GLU A 452 6.77 -21.54 33.05
N TYR A 453 7.47 -20.91 32.10
CA TYR A 453 7.15 -19.54 31.71
C TYR A 453 5.73 -19.44 31.17
N TYR A 454 5.40 -20.28 30.21
CA TYR A 454 4.08 -20.22 29.59
C TYR A 454 3.00 -20.74 30.53
N SER A 455 3.33 -21.71 31.39
CA SER A 455 2.35 -22.27 32.31
C SER A 455 1.96 -21.28 33.40
N LYS A 456 2.95 -20.60 34.00
CA LYS A 456 2.61 -19.63 35.04
C LYS A 456 2.04 -18.35 34.44
N ASN A 457 2.57 -17.88 33.31
CA ASN A 457 2.07 -16.60 32.81
C ASN A 457 0.82 -16.78 31.93
N TYR A 458 0.95 -17.49 30.81
CA TYR A 458 -0.14 -17.60 29.86
C TYR A 458 -1.06 -18.78 30.12
N GLY A 459 -0.66 -19.70 31.01
CA GLY A 459 -1.48 -20.86 31.29
C GLY A 459 -1.41 -21.95 30.25
N ILE A 460 -0.40 -21.93 29.39
CA ILE A 460 -0.27 -22.91 28.31
C ILE A 460 0.58 -24.08 28.79
N THR A 461 0.04 -25.29 28.66
CA THR A 461 0.78 -26.50 28.95
C THR A 461 1.40 -27.01 27.65
N VAL A 462 2.72 -27.20 27.66
CA VAL A 462 3.42 -27.67 26.47
C VAL A 462 3.11 -29.15 26.26
N LYS A 463 2.58 -29.49 25.09
CA LYS A 463 2.15 -30.86 24.82
C LYS A 463 3.36 -31.75 24.50
N GLU A 464 4.11 -31.39 23.46
CA GLU A 464 5.28 -32.14 23.04
C GLU A 464 6.53 -31.40 23.51
N ASP A 465 7.32 -32.05 24.36
CA ASP A 465 8.54 -31.44 24.89
C ASP A 465 9.77 -31.82 24.06
N ASP A 466 9.67 -31.65 22.74
CA ASP A 466 10.81 -31.87 21.85
C ASP A 466 10.82 -30.86 20.70
N GLN A 467 10.20 -29.70 20.88
CA GLN A 467 10.06 -28.74 19.80
C GLN A 467 11.38 -28.06 19.49
N PRO A 468 11.52 -27.48 18.30
CA PRO A 468 12.57 -26.48 18.06
C PRO A 468 12.14 -25.14 18.68
N LEU A 469 12.94 -24.12 18.43
CA LEU A 469 12.59 -22.78 18.87
C LEU A 469 12.95 -21.77 17.80
N LEU A 470 12.02 -20.89 17.48
CA LEU A 470 12.16 -19.95 16.38
C LEU A 470 12.78 -18.65 16.90
N ILE A 471 13.90 -18.23 16.32
CA ILE A 471 14.55 -16.99 16.75
C ILE A 471 14.31 -15.89 15.73
N HIS A 472 13.99 -14.71 16.26
CA HIS A 472 13.57 -13.51 15.56
C HIS A 472 14.52 -12.37 15.94
N ARG A 473 15.81 -12.57 15.67
CA ARG A 473 16.83 -11.53 15.78
C ARG A 473 16.38 -10.24 15.11
N PRO A 474 16.14 -9.17 15.88
CA PRO A 474 15.55 -7.94 15.31
C PRO A 474 16.52 -7.13 14.46
N SER A 475 16.09 -5.94 14.05
CA SER A 475 16.87 -5.08 13.17
C SER A 475 17.61 -4.03 13.98
N GLU A 476 18.94 -4.03 13.86
CA GLU A 476 19.87 -3.03 14.40
C GLU A 476 19.93 -2.99 15.93
N ARG A 477 21.00 -2.41 16.46
CA ARG A 477 21.20 -2.33 17.90
C ARG A 477 21.10 -0.88 18.38
N LEU A 484 18.54 -3.14 25.09
CA LEU A 484 19.17 -4.23 24.37
C LEU A 484 18.61 -4.36 22.95
N LEU A 485 17.28 -4.50 22.88
CA LEU A 485 16.50 -4.59 21.65
C LEU A 485 16.86 -5.80 20.79
N LYS A 486 18.12 -5.88 20.33
CA LYS A 486 18.55 -6.90 19.38
C LYS A 486 19.26 -8.07 20.04
N GLY A 487 18.84 -8.47 21.24
CA GLY A 487 19.43 -9.66 21.83
C GLY A 487 19.02 -10.92 21.09
N GLU A 488 17.75 -11.31 21.25
CA GLU A 488 17.06 -12.39 20.53
C GLU A 488 15.62 -12.42 21.01
N ILE A 489 14.77 -13.03 20.18
CA ILE A 489 13.39 -13.33 20.57
C ILE A 489 13.13 -14.80 20.25
N LEU A 490 12.63 -15.54 21.23
CA LEU A 490 12.45 -16.98 21.17
C LEU A 490 10.98 -17.32 21.11
N LEU A 491 10.61 -18.23 20.20
CA LEU A 491 9.22 -18.56 19.91
C LEU A 491 9.00 -20.06 19.91
N LEU A 492 7.85 -20.50 20.44
CA LEU A 492 7.47 -21.91 20.44
C LEU A 492 6.60 -22.22 19.22
N PRO A 493 6.95 -23.26 18.46
CA PRO A 493 6.13 -23.62 17.28
C PRO A 493 4.76 -24.18 17.62
N GLU A 494 4.51 -24.59 18.88
CA GLU A 494 3.24 -25.24 19.22
C GLU A 494 2.07 -24.29 19.09
N LEU A 495 2.21 -23.06 19.58
CA LEU A 495 1.11 -22.09 19.53
C LEU A 495 1.48 -20.86 18.71
N SER A 496 2.34 -21.05 17.72
CA SER A 496 2.52 -20.09 16.64
C SER A 496 2.05 -20.76 15.35
N PHE A 497 1.38 -19.98 14.50
CA PHE A 497 0.71 -20.48 13.31
C PHE A 497 1.28 -19.78 12.07
N MET A 498 1.18 -20.45 10.93
CA MET A 498 1.48 -19.80 9.65
C MET A 498 0.42 -18.75 9.31
N THR A 499 0.83 -17.80 8.48
CA THR A 499 -0.06 -16.70 8.08
C THR A 499 -0.32 -16.61 6.59
N GLY A 500 0.51 -17.20 5.73
CA GLY A 500 0.45 -16.91 4.31
C GLY A 500 -0.42 -17.87 3.51
N ILE A 501 -0.71 -17.46 2.28
CA ILE A 501 -1.38 -18.29 1.27
C ILE A 501 -0.43 -19.44 0.93
N PRO A 502 -0.89 -20.70 0.98
CA PRO A 502 -0.02 -21.80 0.59
C PRO A 502 0.29 -21.77 -0.91
N GLU A 503 1.47 -22.30 -1.26
CA GLU A 503 1.86 -22.34 -2.67
C GLU A 503 1.05 -23.37 -3.44
N LYS A 504 0.51 -24.38 -2.76
CA LYS A 504 -0.41 -25.31 -3.40
C LYS A 504 -1.74 -24.64 -3.70
N MET A 505 -2.15 -23.68 -2.88
CA MET A 505 -3.41 -22.98 -3.10
C MET A 505 -3.32 -22.03 -4.30
N LYS A 506 -2.13 -21.44 -4.52
CA LYS A 506 -1.96 -20.43 -5.56
C LYS A 506 -2.18 -21.02 -6.96
N LYS A 507 -1.68 -22.22 -7.21
CA LYS A 507 -1.80 -22.82 -8.54
C LYS A 507 -3.20 -23.37 -8.77
N ASP A 508 -3.91 -23.75 -7.71
CA ASP A 508 -5.23 -24.34 -7.84
C ASP A 508 -6.24 -23.29 -8.29
N PHE A 509 -6.84 -23.52 -9.46
CA PHE A 509 -7.75 -22.54 -10.04
C PHE A 509 -9.07 -22.47 -9.27
N ARG A 510 -9.59 -23.62 -8.83
CA ARG A 510 -10.87 -23.62 -8.11
C ARG A 510 -10.71 -23.04 -6.71
N ALA A 511 -9.59 -23.32 -6.05
CA ALA A 511 -9.34 -22.76 -4.71
C ALA A 511 -9.22 -21.24 -4.77
N MET A 512 -8.47 -20.73 -5.75
CA MET A 512 -8.38 -19.28 -5.92
C MET A 512 -9.70 -18.68 -6.40
N LYS A 513 -10.48 -19.43 -7.18
CA LYS A 513 -11.79 -18.94 -7.58
C LYS A 513 -12.71 -18.77 -6.38
N ASP A 514 -12.72 -19.75 -5.47
CA ASP A 514 -13.46 -19.61 -4.22
C ASP A 514 -12.92 -18.48 -3.37
N LEU A 515 -11.59 -18.34 -3.33
CA LEU A 515 -10.97 -17.33 -2.48
C LEU A 515 -11.33 -15.92 -2.92
N THR A 516 -11.18 -15.64 -4.22
CA THR A 516 -11.53 -14.32 -4.75
C THR A 516 -13.01 -14.16 -5.06
N GLN A 517 -13.84 -15.20 -4.92
CA GLN A 517 -15.28 -14.97 -4.93
C GLN A 517 -15.82 -14.71 -3.53
N GLN A 518 -15.09 -15.12 -2.48
CA GLN A 518 -15.52 -14.87 -1.12
C GLN A 518 -14.74 -13.76 -0.42
N ILE A 519 -13.72 -13.19 -1.05
CA ILE A 519 -12.87 -12.18 -0.43
C ILE A 519 -13.05 -10.80 -1.06
N ASN A 520 -13.03 -10.71 -2.39
CA ASN A 520 -13.45 -9.46 -3.03
C ASN A 520 -14.97 -9.36 -2.93
N LEU A 521 -15.41 -8.86 -1.80
CA LEU A 521 -16.84 -8.65 -1.55
C LEU A 521 -17.35 -7.50 -2.39
N SER A 522 -18.60 -7.60 -2.82
CA SER A 522 -19.28 -6.50 -3.46
C SER A 522 -19.58 -5.45 -2.40
N PRO A 523 -19.91 -4.22 -2.82
CA PRO A 523 -20.42 -3.23 -1.86
C PRO A 523 -21.63 -3.71 -1.07
N LYS A 524 -22.51 -4.49 -1.70
CA LYS A 524 -23.61 -5.15 -0.99
C LYS A 524 -23.09 -6.07 0.10
N GLN A 525 -22.12 -6.93 -0.24
CA GLN A 525 -21.62 -7.91 0.72
C GLN A 525 -20.79 -7.24 1.81
N HIS A 526 -20.02 -6.21 1.45
CA HIS A 526 -19.23 -5.47 2.43
C HIS A 526 -20.13 -4.77 3.44
N HIS A 527 -21.16 -4.08 2.96
CA HIS A 527 -22.10 -3.42 3.85
C HIS A 527 -22.90 -4.43 4.66
N GLY A 528 -23.22 -5.58 4.07
CA GLY A 528 -23.92 -6.62 4.81
C GLY A 528 -23.08 -7.21 5.92
N ALA A 529 -21.78 -7.38 5.69
CA ALA A 529 -20.89 -7.87 6.74
C ALA A 529 -20.75 -6.84 7.86
N LEU A 530 -20.67 -5.55 7.52
CA LEU A 530 -20.62 -4.51 8.55
C LEU A 530 -21.92 -4.45 9.35
N GLU A 531 -23.06 -4.59 8.67
CA GLU A 531 -24.35 -4.63 9.35
C GLU A 531 -24.49 -5.86 10.24
N CYS A 532 -23.96 -7.00 9.78
CA CYS A 532 -23.95 -8.22 10.60
C CYS A 532 -23.09 -8.04 11.84
N LEU A 533 -21.96 -7.32 11.70
CA LEU A 533 -21.16 -6.99 12.87
C LEU A 533 -21.93 -6.12 13.85
N LEU A 534 -22.65 -5.12 13.34
CA LEU A 534 -23.47 -4.26 14.20
C LEU A 534 -24.55 -5.06 14.92
N GLN A 535 -25.19 -5.98 14.21
CA GLN A 535 -26.22 -6.82 14.81
C GLN A 535 -25.63 -7.77 15.84
N ARG A 536 -24.43 -8.29 15.59
CA ARG A 536 -23.76 -9.15 16.57
C ARG A 536 -23.37 -8.38 17.82
N ILE A 537 -22.92 -7.13 17.66
CA ILE A 537 -22.57 -6.30 18.81
C ILE A 537 -23.82 -5.97 19.62
N SER A 538 -24.92 -5.63 18.94
CA SER A 538 -26.16 -5.32 19.64
C SER A 538 -26.83 -6.56 20.23
N GLN A 539 -26.50 -7.75 19.73
CA GLN A 539 -27.11 -8.98 20.23
C GLN A 539 -26.49 -9.42 21.55
N ASN A 540 -25.16 -9.43 21.62
CA ASN A 540 -24.49 -9.85 22.84
C ASN A 540 -24.62 -8.77 23.91
N GLU A 541 -25.13 -9.17 25.08
CA GLU A 541 -25.36 -8.20 26.15
C GLU A 541 -24.06 -7.78 26.83
N THR A 542 -23.02 -8.61 26.77
CA THR A 542 -21.77 -8.29 27.46
C THR A 542 -21.01 -7.18 26.77
N ALA A 543 -20.91 -7.24 25.43
CA ALA A 543 -20.18 -6.20 24.70
C ALA A 543 -20.92 -4.87 24.74
N SER A 544 -22.26 -4.90 24.60
CA SER A 544 -23.04 -3.68 24.73
C SER A 544 -22.97 -3.12 26.15
N ASN A 545 -22.97 -4.01 27.15
CA ASN A 545 -22.85 -3.58 28.54
C ASN A 545 -21.50 -2.91 28.78
N GLU A 546 -20.43 -3.46 28.20
CA GLU A 546 -19.11 -2.83 28.29
C GLU A 546 -19.11 -1.46 27.63
N LEU A 547 -19.77 -1.35 26.46
CA LEU A 547 -19.82 -0.08 25.75
C LEU A 547 -20.55 0.99 26.54
N THR A 548 -21.70 0.66 27.13
CA THR A 548 -22.41 1.69 27.91
C THR A 548 -21.77 1.92 29.28
N ARG A 549 -21.10 0.92 29.85
CA ARG A 549 -20.46 1.16 31.14
C ARG A 549 -19.19 1.97 30.99
N TRP A 550 -18.59 1.99 29.79
CA TRP A 550 -17.56 2.97 29.51
C TRP A 550 -18.10 4.21 28.79
N GLY A 551 -19.42 4.29 28.61
CA GLY A 551 -20.02 5.47 28.00
C GLY A 551 -19.88 5.56 26.51
N LEU A 552 -19.59 4.45 25.84
CA LEU A 552 -19.47 4.43 24.39
C LEU A 552 -20.79 3.97 23.78
N SER A 553 -20.96 4.26 22.49
CA SER A 553 -22.22 3.92 21.81
C SER A 553 -21.96 3.82 20.31
N LEU A 554 -22.37 2.71 19.71
CA LEU A 554 -22.29 2.55 18.27
C LEU A 554 -23.65 2.87 17.64
N HIS A 555 -23.60 3.41 16.43
CA HIS A 555 -24.82 3.81 15.74
C HIS A 555 -25.53 2.59 15.17
N LYS A 556 -26.80 2.80 14.80
CA LYS A 556 -27.62 1.71 14.27
C LYS A 556 -27.12 1.27 12.89
N ASP A 557 -26.68 2.21 12.08
CA ASP A 557 -26.16 1.91 10.75
C ASP A 557 -24.93 2.76 10.49
N VAL A 558 -24.32 2.54 9.33
CA VAL A 558 -23.09 3.24 8.95
C VAL A 558 -23.41 4.68 8.57
N HIS A 559 -22.37 5.51 8.47
CA HIS A 559 -22.52 6.93 8.22
C HIS A 559 -22.94 7.19 6.77
N LYS A 560 -23.72 8.24 6.58
CA LYS A 560 -24.23 8.64 5.26
C LYS A 560 -23.90 10.10 5.01
N ILE A 561 -23.03 10.34 4.03
CA ILE A 561 -22.79 11.68 3.48
C ILE A 561 -22.77 11.54 1.96
N GLU A 562 -22.52 12.65 1.28
CA GLU A 562 -22.51 12.70 -0.18
C GLU A 562 -21.18 13.21 -0.68
N GLY A 563 -20.67 12.57 -1.73
CA GLY A 563 -19.46 13.02 -2.40
C GLY A 563 -19.77 13.95 -3.56
N ARG A 564 -18.90 13.94 -4.56
CA ARG A 564 -19.10 14.78 -5.73
C ARG A 564 -18.45 14.13 -6.94
N LEU A 565 -19.19 14.11 -8.06
CA LEU A 565 -18.70 13.55 -9.32
C LEU A 565 -18.19 14.68 -10.20
N LEU A 566 -16.89 14.66 -10.51
CA LEU A 566 -16.32 15.66 -11.38
C LEU A 566 -16.72 15.38 -12.84
N PRO A 567 -16.82 16.42 -13.66
CA PRO A 567 -17.13 16.21 -15.08
C PRO A 567 -16.00 15.48 -15.80
N MET A 568 -16.38 14.70 -16.81
CA MET A 568 -15.39 14.02 -17.64
C MET A 568 -14.64 15.02 -18.50
N GLU A 569 -13.33 14.82 -18.62
CA GLU A 569 -12.47 15.75 -19.33
C GLU A 569 -12.27 15.29 -20.77
N ARG A 570 -12.18 16.27 -21.67
CA ARG A 570 -12.12 16.00 -23.11
C ARG A 570 -10.70 15.59 -23.47
N ILE A 571 -10.56 14.39 -24.01
CA ILE A 571 -9.25 13.89 -24.45
C ILE A 571 -8.97 14.42 -25.85
N ASN A 572 -7.81 15.06 -26.02
CA ASN A 572 -7.46 15.77 -27.25
C ASN A 572 -6.44 14.99 -28.05
N LEU A 573 -6.72 14.81 -29.32
CA LEU A 573 -5.82 14.31 -30.34
C LEU A 573 -5.61 15.41 -31.39
N ARG A 574 -4.95 15.07 -32.50
CA ARG A 574 -4.59 16.08 -33.50
C ARG A 574 -5.82 16.63 -34.22
N ASN A 575 -6.52 15.78 -34.96
CA ASN A 575 -7.59 16.24 -35.83
C ASN A 575 -8.95 16.30 -35.13
N THR A 576 -9.07 15.69 -33.95
CA THR A 576 -10.35 15.67 -33.24
C THR A 576 -10.09 15.40 -31.76
N SER A 577 -11.12 15.66 -30.96
CA SER A 577 -11.09 15.41 -29.53
C SER A 577 -12.43 14.85 -29.11
N PHE A 578 -12.43 14.03 -28.05
CA PHE A 578 -13.65 13.36 -27.64
C PHE A 578 -13.86 13.46 -26.13
N VAL A 579 -15.12 13.61 -25.73
CA VAL A 579 -15.49 13.48 -24.33
C VAL A 579 -15.77 12.00 -24.04
N THR A 580 -15.73 11.64 -22.76
CA THR A 580 -15.76 10.25 -22.34
C THR A 580 -17.05 9.95 -21.58
N SER A 581 -17.52 8.71 -21.71
CA SER A 581 -18.70 8.22 -20.99
C SER A 581 -18.31 7.81 -19.57
N GLU A 582 -19.21 7.06 -18.91
CA GLU A 582 -19.05 6.73 -17.50
C GLU A 582 -17.89 5.79 -17.24
N ASP A 583 -17.50 5.00 -18.22
CA ASP A 583 -16.43 4.01 -18.01
C ASP A 583 -15.07 4.66 -17.83
N LEU A 584 -14.86 5.86 -18.40
CA LEU A 584 -13.59 6.58 -18.38
C LEU A 584 -12.45 5.73 -18.93
N ASN A 585 -12.72 5.10 -20.08
CA ASN A 585 -11.74 4.31 -20.82
C ASN A 585 -11.78 4.76 -22.27
N TRP A 586 -10.61 4.94 -22.90
CA TRP A 586 -10.59 5.31 -24.30
C TRP A 586 -9.74 4.34 -25.12
N VAL A 587 -9.82 3.04 -24.81
CA VAL A 587 -8.98 2.07 -25.49
C VAL A 587 -9.45 1.85 -26.94
N LYS A 588 -10.71 2.14 -27.24
CA LYS A 588 -11.22 2.04 -28.59
C LYS A 588 -11.48 3.41 -29.23
N GLU A 589 -11.56 4.47 -28.42
CA GLU A 589 -11.69 5.82 -28.95
C GLU A 589 -10.34 6.39 -29.37
N VAL A 590 -9.23 5.73 -29.03
CA VAL A 590 -7.91 6.19 -29.42
C VAL A 590 -7.51 5.61 -30.79
N THR A 591 -7.75 4.32 -31.01
CA THR A 591 -7.28 3.69 -32.24
C THR A 591 -8.30 3.84 -33.37
N ARG A 592 -8.77 5.08 -33.56
CA ARG A 592 -9.47 5.49 -34.76
C ARG A 592 -8.97 6.81 -35.30
N ASP A 593 -8.33 7.63 -34.47
CA ASP A 593 -7.89 8.97 -34.82
C ASP A 593 -6.38 9.06 -34.61
N ALA A 594 -5.76 10.00 -35.31
CA ALA A 594 -4.32 10.18 -35.21
C ALA A 594 -3.95 10.89 -33.90
N SER A 595 -2.77 10.55 -33.38
CA SER A 595 -2.25 11.21 -32.20
C SER A 595 -1.87 12.65 -32.52
N ILE A 596 -1.78 13.47 -31.46
CA ILE A 596 -1.52 14.91 -31.65
C ILE A 596 -0.11 15.13 -32.20
N LEU A 597 0.87 14.38 -31.72
CA LEU A 597 2.21 14.44 -32.30
C LEU A 597 2.83 13.05 -32.20
N THR A 598 2.82 12.33 -33.32
CA THR A 598 3.61 11.11 -33.46
C THR A 598 4.73 11.37 -34.45
N ILE A 599 5.94 10.98 -34.08
CA ILE A 599 7.12 11.28 -34.90
C ILE A 599 7.15 10.27 -36.05
N PRO A 600 7.83 10.58 -37.17
CA PRO A 600 7.92 9.61 -38.26
C PRO A 600 8.78 8.41 -37.90
N MET A 601 8.17 7.42 -37.24
CA MET A 601 8.88 6.25 -36.76
C MET A 601 9.44 5.44 -37.93
N HIS A 602 10.75 5.51 -38.11
CA HIS A 602 11.43 4.81 -39.20
C HIS A 602 12.76 4.27 -38.66
N PHE A 603 13.33 3.32 -39.41
CA PHE A 603 14.64 2.71 -39.12
C PHE A 603 14.69 2.05 -37.75
N TRP A 604 13.54 1.62 -37.22
CA TRP A 604 13.50 0.96 -35.93
C TRP A 604 13.82 -0.53 -36.10
N ALA A 605 13.85 -1.25 -34.98
CA ALA A 605 14.23 -2.65 -34.98
C ALA A 605 13.26 -3.45 -34.12
N LEU A 606 13.21 -4.76 -34.38
CA LEU A 606 12.49 -5.69 -33.53
C LEU A 606 13.42 -6.87 -33.27
N PHE A 607 13.76 -7.05 -31.99
CA PHE A 607 14.61 -8.15 -31.54
C PHE A 607 13.68 -9.26 -31.04
N TYR A 608 13.65 -10.39 -31.75
CA TYR A 608 12.82 -11.47 -31.26
C TYR A 608 13.54 -12.81 -31.33
N PRO A 609 13.18 -13.75 -30.45
CA PRO A 609 13.65 -15.12 -30.59
C PRO A 609 12.76 -15.91 -31.54
N LYS A 610 13.29 -17.06 -31.99
CA LYS A 610 12.57 -17.88 -32.96
C LYS A 610 11.40 -18.64 -32.33
N ARG A 611 11.38 -18.80 -31.01
CA ARG A 611 10.29 -19.52 -30.35
C ARG A 611 8.97 -18.77 -30.48
N ALA A 612 9.03 -17.44 -30.48
CA ALA A 612 7.88 -16.61 -30.77
C ALA A 612 7.77 -16.25 -32.25
N MET A 613 8.59 -16.90 -33.10
CA MET A 613 8.88 -16.53 -34.49
C MET A 613 7.68 -16.08 -35.30
N ASP A 614 6.80 -17.04 -35.59
CA ASP A 614 5.61 -16.76 -36.39
C ASP A 614 4.73 -15.75 -35.68
N GLN A 615 4.58 -15.92 -34.36
CA GLN A 615 3.83 -14.97 -33.54
C GLN A 615 4.37 -13.56 -33.73
N ALA A 616 5.70 -13.42 -33.61
CA ALA A 616 6.32 -12.10 -33.70
C ALA A 616 6.08 -11.47 -35.06
N ARG A 617 6.11 -12.31 -36.11
CA ARG A 617 5.88 -11.82 -37.47
C ARG A 617 4.49 -11.22 -37.58
N GLU A 618 3.51 -11.89 -36.94
CA GLU A 618 2.14 -11.42 -36.92
C GLU A 618 2.03 -10.02 -36.33
N LEU A 619 2.76 -9.75 -35.23
CA LEU A 619 2.75 -8.42 -34.62
C LEU A 619 3.09 -7.34 -35.61
N VAL A 620 4.14 -7.59 -36.41
CA VAL A 620 4.60 -6.60 -37.38
C VAL A 620 3.46 -6.26 -38.33
N ASN A 621 2.76 -7.29 -38.82
CA ASN A 621 1.63 -7.09 -39.72
C ASN A 621 0.55 -6.26 -39.04
N MET A 622 0.15 -6.65 -37.83
CA MET A 622 -0.93 -5.90 -37.20
C MET A 622 -0.43 -4.56 -36.69
N LEU A 623 0.90 -4.43 -36.52
CA LEU A 623 1.45 -3.11 -36.22
C LEU A 623 1.14 -2.14 -37.36
N GLU A 624 1.31 -2.58 -38.61
CA GLU A 624 0.85 -1.77 -39.73
C GLU A 624 -0.66 -1.60 -39.67
N LYS A 625 -1.39 -2.65 -39.29
CA LYS A 625 -2.83 -2.56 -39.17
C LYS A 625 -3.26 -1.65 -38.02
N ILE A 626 -2.33 -1.29 -37.13
CA ILE A 626 -2.60 -0.25 -36.14
C ILE A 626 -1.96 1.07 -36.55
N ALA A 627 -0.89 1.03 -37.37
CA ALA A 627 -0.15 2.24 -37.71
C ALA A 627 -1.00 3.22 -38.52
N GLY A 628 -1.82 2.68 -39.41
CA GLY A 628 -2.77 3.47 -40.16
C GLY A 628 -3.84 4.17 -39.34
N PRO A 629 -4.55 3.44 -38.47
CA PRO A 629 -5.61 4.09 -37.66
C PRO A 629 -5.16 5.26 -36.77
N ILE A 630 -3.98 5.18 -36.13
CA ILE A 630 -3.58 6.28 -35.26
C ILE A 630 -2.63 7.21 -35.99
N GLY A 631 -2.62 7.12 -37.32
CA GLY A 631 -1.93 8.09 -38.16
C GLY A 631 -0.44 8.18 -37.94
N MET A 632 0.22 7.07 -37.64
CA MET A 632 1.62 7.06 -37.26
C MET A 632 2.35 6.20 -38.29
N ARG A 633 3.29 6.82 -39.01
CA ARG A 633 3.95 6.14 -40.12
C ARG A 633 5.01 5.17 -39.62
N ILE A 634 4.97 3.95 -40.12
CA ILE A 634 5.83 2.86 -39.66
C ILE A 634 6.40 2.14 -40.87
N SER A 635 7.72 1.98 -40.90
CA SER A 635 8.38 1.18 -41.92
C SER A 635 8.58 -0.24 -41.41
N PRO A 636 8.80 -1.20 -42.31
CA PRO A 636 9.26 -2.53 -41.88
C PRO A 636 10.58 -2.44 -41.12
N PRO A 637 10.60 -2.86 -39.86
CA PRO A 637 11.81 -2.67 -39.03
C PRO A 637 12.94 -3.61 -39.36
N ALA A 638 14.00 -3.57 -38.56
CA ALA A 638 15.03 -4.59 -38.61
C ALA A 638 14.50 -5.88 -38.01
N TRP A 639 14.92 -7.00 -38.58
CA TRP A 639 14.36 -8.33 -38.33
C TRP A 639 15.20 -9.12 -37.33
N VAL A 640 15.74 -8.46 -36.30
CA VAL A 640 16.94 -8.98 -35.63
C VAL A 640 16.58 -10.17 -34.75
N GLU A 641 17.34 -11.24 -34.93
CA GLU A 641 17.15 -12.49 -34.20
C GLU A 641 17.87 -12.46 -32.86
N LEU A 642 17.31 -13.17 -31.89
CA LEU A 642 17.97 -13.43 -30.62
C LEU A 642 18.21 -14.93 -30.54
N LYS A 643 19.47 -15.33 -30.75
CA LYS A 643 19.83 -16.75 -30.78
C LYS A 643 19.63 -17.42 -29.44
N ASP A 644 19.69 -16.67 -28.34
CA ASP A 644 19.35 -17.20 -27.03
C ASP A 644 18.77 -16.06 -26.19
N ASP A 645 18.03 -16.44 -25.15
CA ASP A 645 17.33 -15.48 -24.31
C ASP A 645 18.20 -14.96 -23.17
N ARG A 646 19.52 -15.07 -23.27
CA ARG A 646 20.40 -14.60 -22.22
C ARG A 646 20.41 -13.07 -22.17
N ILE A 647 20.68 -12.54 -20.98
CA ILE A 647 20.56 -11.12 -20.73
C ILE A 647 21.67 -10.35 -21.43
N GLU A 648 22.92 -10.82 -21.29
CA GLU A 648 24.04 -10.16 -21.92
C GLU A 648 24.02 -10.32 -23.43
N THR A 649 23.37 -11.37 -23.94
CA THR A 649 23.17 -11.51 -25.38
C THR A 649 22.29 -10.39 -25.91
N TYR A 650 21.20 -10.08 -25.18
CA TYR A 650 20.34 -8.94 -25.52
C TYR A 650 21.14 -7.65 -25.48
N ILE A 651 21.97 -7.49 -24.45
CA ILE A 651 22.74 -6.26 -24.28
C ILE A 651 23.72 -6.07 -25.44
N ARG A 652 24.44 -7.14 -25.79
CA ARG A 652 25.45 -7.01 -26.84
C ARG A 652 24.82 -6.90 -28.22
N THR A 653 23.64 -7.49 -28.46
CA THR A 653 23.03 -7.34 -29.78
C THR A 653 22.41 -5.95 -29.94
N ILE A 654 21.91 -5.34 -28.86
CA ILE A 654 21.45 -3.96 -28.95
C ILE A 654 22.64 -3.02 -29.13
N GLN A 655 23.75 -3.30 -28.44
CA GLN A 655 24.96 -2.51 -28.61
C GLN A 655 25.50 -2.62 -30.04
N SER A 656 25.43 -3.81 -30.64
CA SER A 656 25.87 -3.98 -32.01
C SER A 656 24.96 -3.24 -32.99
N LEU A 657 23.64 -3.28 -32.74
CA LEU A 657 22.71 -2.56 -33.61
C LEU A 657 22.93 -1.05 -33.53
N LEU A 658 23.21 -0.54 -32.33
CA LEU A 658 23.47 0.89 -32.20
C LEU A 658 24.83 1.27 -32.77
N GLY A 659 25.82 0.37 -32.66
CA GLY A 659 27.13 0.65 -33.24
C GLY A 659 27.13 0.66 -34.75
N VAL A 660 26.37 -0.25 -35.37
CA VAL A 660 26.32 -0.32 -36.83
C VAL A 660 25.61 0.91 -37.40
N GLU A 661 24.46 1.26 -36.85
CA GLU A 661 23.69 2.41 -37.30
C GLU A 661 23.39 3.30 -36.12
N GLY A 662 23.79 4.57 -36.21
CA GLY A 662 23.61 5.53 -35.14
C GLY A 662 22.30 6.28 -35.13
N LYS A 663 21.45 6.10 -36.13
CA LYS A 663 20.16 6.78 -36.20
C LYS A 663 19.00 5.86 -35.84
N ILE A 664 19.26 4.80 -35.08
CA ILE A 664 18.18 3.92 -34.62
C ILE A 664 17.35 4.67 -33.58
N GLN A 665 16.04 4.68 -33.78
CA GLN A 665 15.14 5.38 -32.88
C GLN A 665 14.73 4.50 -31.69
N MET A 666 14.08 3.36 -31.97
CA MET A 666 13.50 2.53 -30.94
C MET A 666 14.09 1.13 -31.00
N VAL A 667 14.23 0.51 -29.83
CA VAL A 667 14.78 -0.83 -29.69
C VAL A 667 13.81 -1.65 -28.84
N VAL A 668 13.32 -2.76 -29.40
CA VAL A 668 12.28 -3.56 -28.77
C VAL A 668 12.74 -5.01 -28.68
N CYS A 669 12.56 -5.61 -27.51
CA CYS A 669 12.93 -7.00 -27.26
C CYS A 669 11.71 -7.78 -26.78
N ILE A 670 11.78 -9.11 -26.93
CA ILE A 670 10.69 -10.02 -26.57
C ILE A 670 11.25 -11.17 -25.74
N ILE A 671 10.61 -11.46 -24.61
CA ILE A 671 11.07 -12.47 -23.66
C ILE A 671 9.91 -13.38 -23.25
N MET A 672 10.26 -14.39 -22.46
CA MET A 672 9.33 -15.39 -21.95
C MET A 672 9.14 -15.18 -20.45
N GLY A 673 7.90 -14.95 -20.02
CA GLY A 673 7.59 -14.85 -18.61
C GLY A 673 8.04 -13.54 -17.98
N THR A 674 7.62 -13.34 -16.74
CA THR A 674 7.99 -12.15 -15.97
C THR A 674 9.48 -12.25 -15.62
N ARG A 675 10.30 -11.45 -16.29
CA ARG A 675 11.76 -11.49 -16.14
C ARG A 675 12.22 -10.12 -15.68
N ASP A 676 12.46 -9.97 -14.38
CA ASP A 676 12.81 -8.67 -13.82
C ASP A 676 14.26 -8.30 -14.11
N ASP A 677 15.16 -9.28 -14.19
CA ASP A 677 16.58 -8.96 -14.40
C ASP A 677 16.84 -8.59 -15.86
N LEU A 678 16.10 -9.20 -16.80
CA LEU A 678 16.18 -8.76 -18.19
C LEU A 678 15.70 -7.33 -18.34
N TYR A 679 14.59 -6.98 -17.67
CA TYR A 679 14.10 -5.61 -17.66
C TYR A 679 15.14 -4.68 -17.04
N GLY A 680 15.81 -5.15 -15.98
CA GLY A 680 16.85 -4.37 -15.34
C GLY A 680 18.01 -4.05 -16.26
N ALA A 681 18.52 -5.05 -16.98
CA ALA A 681 19.66 -4.80 -17.83
C ALA A 681 19.28 -4.08 -19.13
N ILE A 682 18.06 -4.30 -19.64
CA ILE A 682 17.60 -3.56 -20.81
C ILE A 682 17.47 -2.09 -20.49
N LYS A 683 16.90 -1.75 -19.33
CA LYS A 683 16.84 -0.35 -18.95
C LYS A 683 18.21 0.19 -18.55
N LYS A 684 19.11 -0.66 -18.02
CA LYS A 684 20.50 -0.28 -17.80
C LYS A 684 21.14 0.22 -19.08
N LEU A 685 21.05 -0.59 -20.14
CA LEU A 685 21.69 -0.28 -21.41
C LEU A 685 21.00 0.90 -22.10
N CYS A 686 19.68 0.95 -22.05
CA CYS A 686 18.92 1.93 -22.81
C CYS A 686 18.57 3.17 -22.00
N CYS A 687 19.13 3.32 -20.79
CA CYS A 687 19.00 4.57 -20.06
C CYS A 687 20.31 5.05 -19.45
N VAL A 688 21.37 4.24 -19.43
CA VAL A 688 22.62 4.64 -18.81
C VAL A 688 23.75 4.55 -19.83
N GLN A 689 23.97 3.36 -20.39
CA GLN A 689 25.15 3.14 -21.23
C GLN A 689 24.99 3.78 -22.60
N SER A 690 24.02 3.32 -23.37
CA SER A 690 23.72 3.88 -24.69
C SER A 690 22.30 4.39 -24.70
N PRO A 691 22.07 5.70 -24.55
CA PRO A 691 20.71 6.20 -24.36
C PRO A 691 19.85 6.13 -25.61
N VAL A 692 18.95 5.15 -25.65
CA VAL A 692 17.93 5.05 -26.69
C VAL A 692 16.61 4.63 -26.05
N PRO A 693 15.50 5.08 -26.62
CA PRO A 693 14.19 4.58 -26.18
C PRO A 693 14.04 3.09 -26.46
N SER A 694 13.37 2.39 -25.54
CA SER A 694 13.31 0.94 -25.59
C SER A 694 11.91 0.46 -25.24
N GLN A 695 11.66 -0.82 -25.54
CA GLN A 695 10.38 -1.46 -25.30
C GLN A 695 10.61 -2.94 -25.08
N VAL A 696 9.95 -3.51 -24.07
CA VAL A 696 10.09 -4.92 -23.72
C VAL A 696 8.72 -5.57 -23.81
N ILE A 697 8.64 -6.75 -24.41
CA ILE A 697 7.39 -7.43 -24.71
C ILE A 697 7.48 -8.85 -24.17
N ASN A 698 6.41 -9.32 -23.55
CA ASN A 698 6.35 -10.66 -22.98
C ASN A 698 5.43 -11.56 -23.80
N VAL A 699 5.77 -12.86 -23.83
CA VAL A 699 4.96 -13.83 -24.57
C VAL A 699 3.81 -14.41 -23.76
N ARG A 700 3.64 -13.99 -22.51
CA ARG A 700 2.49 -14.44 -21.73
C ARG A 700 1.18 -13.97 -22.33
N THR A 701 1.18 -12.74 -22.87
CA THR A 701 -0.02 -12.17 -23.47
C THR A 701 0.04 -12.12 -24.99
N ILE A 702 1.23 -11.93 -25.58
CA ILE A 702 1.32 -11.57 -26.98
C ILE A 702 1.02 -12.75 -27.89
N GLY A 703 0.93 -13.95 -27.33
CA GLY A 703 0.61 -15.15 -28.10
C GLY A 703 -0.85 -15.53 -28.09
N GLN A 704 -1.72 -14.64 -27.57
CA GLN A 704 -3.16 -14.86 -27.54
C GLN A 704 -3.81 -14.28 -28.79
N PRO A 705 -4.60 -15.06 -29.52
CA PRO A 705 -5.18 -14.53 -30.77
C PRO A 705 -6.26 -13.47 -30.55
N THR A 706 -7.19 -13.72 -29.62
CA THR A 706 -8.28 -12.78 -29.38
C THR A 706 -7.89 -11.63 -28.45
N ARG A 707 -6.76 -11.75 -27.76
CA ARG A 707 -6.28 -10.73 -26.83
C ARG A 707 -5.05 -10.03 -27.38
N LEU A 708 -5.06 -9.73 -28.67
CA LEU A 708 -3.87 -9.22 -29.33
C LEU A 708 -4.01 -7.81 -29.87
N ARG A 709 -5.18 -7.44 -30.41
CA ARG A 709 -5.32 -6.14 -31.06
C ARG A 709 -5.29 -5.01 -30.03
N SER A 710 -6.07 -5.13 -28.95
CA SER A 710 -6.07 -4.11 -27.91
C SER A 710 -4.78 -4.07 -27.11
N VAL A 711 -3.98 -5.14 -27.17
CA VAL A 711 -2.67 -5.12 -26.54
C VAL A 711 -1.66 -4.43 -27.44
N ALA A 712 -1.68 -4.73 -28.74
CA ALA A 712 -0.76 -4.09 -29.69
C ALA A 712 -1.06 -2.60 -29.84
N GLN A 713 -2.31 -2.19 -29.63
CA GLN A 713 -2.63 -0.76 -29.57
C GLN A 713 -1.84 -0.07 -28.49
N LYS A 714 -1.88 -0.62 -27.27
CA LYS A 714 -1.15 -0.03 -26.14
C LYS A 714 0.35 -0.14 -26.33
N ILE A 715 0.82 -1.20 -27.00
CA ILE A 715 2.24 -1.33 -27.32
C ILE A 715 2.69 -0.19 -28.22
N LEU A 716 1.92 0.09 -29.27
CA LEU A 716 2.30 1.16 -30.20
C LEU A 716 2.17 2.54 -29.54
N LEU A 717 1.18 2.71 -28.65
CA LEU A 717 1.06 3.96 -27.92
C LEU A 717 2.27 4.19 -27.00
N GLN A 718 2.72 3.14 -26.31
CA GLN A 718 3.92 3.24 -25.47
C GLN A 718 5.16 3.50 -26.32
N MET A 719 5.19 2.91 -27.53
CA MET A 719 6.29 3.13 -28.47
C MET A 719 6.38 4.61 -28.86
N ASN A 720 5.24 5.20 -29.21
CA ASN A 720 5.20 6.62 -29.57
C ASN A 720 5.51 7.51 -28.36
N CYS A 721 5.11 7.08 -27.16
CA CYS A 721 5.40 7.85 -25.97
C CYS A 721 6.90 7.89 -25.69
N LYS A 722 7.54 6.73 -25.66
CA LYS A 722 8.96 6.68 -25.32
C LYS A 722 9.85 7.21 -26.45
N LEU A 723 9.35 7.24 -27.69
CA LEU A 723 10.16 7.81 -28.76
C LEU A 723 10.11 9.34 -28.80
N GLY A 724 9.43 9.97 -27.86
CA GLY A 724 9.36 11.42 -27.80
C GLY A 724 8.10 12.02 -28.38
N GLY A 725 7.31 11.24 -29.10
CA GLY A 725 6.06 11.75 -29.63
C GLY A 725 5.03 11.93 -28.52
N GLU A 726 4.27 13.02 -28.61
CA GLU A 726 3.29 13.36 -27.59
C GLU A 726 1.97 12.66 -27.89
N LEU A 727 1.52 11.82 -26.97
CA LEU A 727 0.21 11.20 -27.06
C LEU A 727 -0.87 12.16 -26.59
N TRP A 728 -2.07 11.62 -26.32
CA TRP A 728 -3.27 12.41 -26.09
C TRP A 728 -3.08 13.40 -24.93
N GLY A 729 -3.73 14.56 -25.07
CA GLY A 729 -3.62 15.61 -24.08
C GLY A 729 -4.95 15.93 -23.43
N VAL A 730 -4.88 16.75 -22.38
CA VAL A 730 -6.06 17.31 -21.74
C VAL A 730 -5.86 18.81 -21.64
N ASP A 731 -6.94 19.56 -21.80
CA ASP A 731 -6.90 21.02 -21.70
C ASP A 731 -6.68 21.42 -20.25
N ILE A 732 -5.51 21.98 -19.97
CA ILE A 732 -5.15 22.42 -18.61
C ILE A 732 -5.60 23.87 -18.47
N PRO A 733 -6.47 24.19 -17.52
CA PRO A 733 -7.02 25.56 -17.41
C PRO A 733 -6.17 26.52 -16.59
N LEU A 734 -4.94 26.17 -16.24
CA LEU A 734 -4.03 27.05 -15.53
C LEU A 734 -2.89 27.42 -16.46
N LYS A 735 -2.47 28.68 -16.41
CA LYS A 735 -1.52 29.22 -17.37
C LYS A 735 -0.10 29.15 -16.81
N GLN A 736 0.80 28.51 -17.59
CA GLN A 736 2.25 28.52 -17.36
C GLN A 736 2.61 27.92 -16.00
N LEU A 737 2.31 26.63 -15.85
CA LEU A 737 2.54 25.94 -14.60
C LEU A 737 3.58 24.83 -14.80
N MET A 738 4.32 24.54 -13.74
CA MET A 738 5.37 23.52 -13.72
C MET A 738 4.92 22.42 -12.77
N VAL A 739 4.21 21.43 -13.30
CA VAL A 739 3.71 20.35 -12.47
C VAL A 739 4.84 19.39 -12.15
N ILE A 740 5.06 19.12 -10.87
CA ILE A 740 6.18 18.33 -10.40
C ILE A 740 5.66 17.16 -9.55
N GLY A 741 6.12 15.96 -9.86
CA GLY A 741 5.92 14.82 -8.99
C GLY A 741 7.24 14.21 -8.56
N MET A 742 7.37 13.86 -7.28
CA MET A 742 8.54 13.16 -6.79
C MET A 742 8.11 11.89 -6.10
N ASP A 743 9.02 10.91 -6.10
CA ASP A 743 8.78 9.63 -5.46
C ASP A 743 10.04 9.21 -4.73
N VAL A 744 9.92 8.97 -3.43
CA VAL A 744 11.04 8.51 -2.61
C VAL A 744 10.93 6.99 -2.52
N TYR A 745 11.72 6.30 -3.33
CA TYR A 745 11.73 4.84 -3.37
C TYR A 745 12.83 4.33 -2.45
N HIS A 746 12.45 3.50 -1.48
CA HIS A 746 13.39 2.83 -0.59
C HIS A 746 12.77 1.50 -0.20
N ASP A 747 13.12 0.46 -0.96
CA ASP A 747 12.63 -0.88 -0.65
C ASP A 747 13.15 -1.43 0.67
N PRO A 748 14.47 -1.35 1.01
CA PRO A 748 14.77 -1.84 2.36
C PRO A 748 14.43 -0.82 3.45
N GLY A 751 19.76 -2.64 2.00
CA GLY A 751 19.89 -3.02 0.61
C GLY A 751 20.23 -1.85 -0.30
N MET A 752 19.31 -1.51 -1.20
CA MET A 752 19.53 -0.43 -2.15
C MET A 752 19.32 0.92 -1.47
N ARG A 753 20.03 1.92 -1.99
CA ARG A 753 19.96 3.27 -1.44
C ARG A 753 18.65 3.93 -1.86
N SER A 754 18.11 4.76 -0.95
CA SER A 754 16.88 5.49 -1.24
C SER A 754 17.11 6.51 -2.35
N VAL A 755 16.16 6.57 -3.28
CA VAL A 755 16.28 7.38 -4.48
C VAL A 755 15.03 8.22 -4.64
N VAL A 756 15.19 9.51 -4.93
CA VAL A 756 14.06 10.39 -5.18
C VAL A 756 14.00 10.65 -6.68
N GLY A 757 12.95 10.12 -7.31
CA GLY A 757 12.66 10.48 -8.69
C GLY A 757 11.86 11.76 -8.78
N PHE A 758 12.07 12.49 -9.87
CA PHE A 758 11.63 13.89 -9.96
C PHE A 758 11.22 14.14 -11.41
N VAL A 759 9.92 14.35 -11.65
CA VAL A 759 9.39 14.54 -12.99
C VAL A 759 8.68 15.89 -13.01
N ALA A 760 9.11 16.77 -13.93
CA ALA A 760 8.59 18.14 -14.00
C ALA A 760 8.15 18.45 -15.42
N SER A 761 6.95 19.01 -15.56
CA SER A 761 6.46 19.41 -16.88
C SER A 761 7.20 20.65 -17.39
N ILE A 762 7.47 20.67 -18.69
CA ILE A 762 8.24 21.76 -19.29
C ILE A 762 7.53 22.36 -20.48
N ASN A 763 6.22 22.15 -20.59
CA ASN A 763 5.42 22.73 -21.67
C ASN A 763 4.21 23.44 -21.09
N LEU A 764 3.41 24.02 -21.99
CA LEU A 764 2.10 24.54 -21.61
C LEU A 764 1.02 23.48 -21.70
N THR A 765 1.22 22.45 -22.53
CA THR A 765 0.30 21.33 -22.65
C THR A 765 0.71 20.14 -21.80
N LEU A 766 1.86 20.24 -21.12
CA LEU A 766 2.37 19.21 -20.20
C LEU A 766 2.52 17.85 -20.87
N THR A 767 3.06 17.83 -22.09
CA THR A 767 3.23 16.60 -22.84
C THR A 767 4.65 16.05 -22.78
N LYS A 768 5.67 16.90 -22.72
CA LYS A 768 7.04 16.47 -22.48
C LYS A 768 7.38 16.78 -21.02
N TRP A 769 8.02 15.82 -20.35
CA TRP A 769 8.33 15.93 -18.94
C TRP A 769 9.82 15.71 -18.75
N TYR A 770 10.50 16.72 -18.19
CA TYR A 770 11.88 16.55 -17.76
C TYR A 770 11.94 15.62 -16.55
N SER A 771 13.00 14.83 -16.48
CA SER A 771 13.15 13.84 -15.43
C SER A 771 14.55 13.90 -14.86
N ARG A 772 14.67 13.70 -13.54
CA ARG A 772 15.95 13.56 -12.88
C ARG A 772 15.73 12.85 -11.55
N VAL A 773 16.67 11.99 -11.18
CA VAL A 773 16.64 11.35 -9.87
C VAL A 773 17.84 11.86 -9.07
N VAL A 774 17.71 11.75 -7.74
CA VAL A 774 18.81 11.98 -6.83
C VAL A 774 18.92 10.79 -5.88
N PHE A 775 20.12 10.61 -5.35
CA PHE A 775 20.43 9.52 -4.42
C PHE A 775 20.83 10.14 -3.10
N GLN A 776 20.16 9.72 -2.03
CA GLN A 776 20.43 10.27 -0.71
C GLN A 776 21.41 9.39 0.08
N ILE A 782 18.95 14.15 5.14
CA ILE A 782 19.68 14.39 3.90
C ILE A 782 18.67 14.44 2.76
N VAL A 783 17.47 13.92 3.01
CA VAL A 783 16.41 13.86 2.01
C VAL A 783 15.94 15.25 1.62
N ASP A 784 16.13 16.23 2.51
CA ASP A 784 15.82 17.63 2.20
C ASP A 784 16.66 18.14 1.04
N SER A 785 17.95 17.77 1.02
CA SER A 785 18.85 18.18 -0.06
C SER A 785 18.56 17.33 -1.30
N LEU A 786 17.61 17.82 -2.10
CA LEU A 786 17.30 17.22 -3.40
C LEU A 786 18.19 17.76 -4.52
N LYS A 787 19.24 18.47 -4.11
CA LYS A 787 20.22 19.15 -4.95
C LYS A 787 19.61 19.84 -6.17
N LEU A 788 20.24 19.72 -7.33
CA LEU A 788 19.98 20.58 -8.47
C LEU A 788 18.73 20.21 -9.27
N CYS A 789 17.79 19.42 -8.72
CA CYS A 789 16.60 19.03 -9.45
C CYS A 789 15.74 20.24 -9.84
N LEU A 790 15.44 21.10 -8.86
CA LEU A 790 14.59 22.26 -9.13
C LEU A 790 15.27 23.26 -10.06
N VAL A 791 16.57 23.51 -9.86
CA VAL A 791 17.24 24.50 -10.71
C VAL A 791 17.44 23.95 -12.12
N GLY A 792 17.63 22.64 -12.27
CA GLY A 792 17.69 22.06 -13.59
C GLY A 792 16.35 22.09 -14.31
N SER A 793 15.27 21.82 -13.58
CA SER A 793 13.93 21.92 -14.15
C SER A 793 13.64 23.36 -14.59
N LEU A 794 14.00 24.34 -13.76
CA LEU A 794 13.81 25.73 -14.13
C LEU A 794 14.71 26.14 -15.28
N LYS A 795 15.91 25.57 -15.37
CA LYS A 795 16.81 25.87 -16.49
C LYS A 795 16.26 25.32 -17.80
N LYS A 796 15.72 24.10 -17.79
CA LYS A 796 15.15 23.56 -19.03
C LYS A 796 13.85 24.27 -19.38
N TYR A 797 13.07 24.68 -18.39
CA TYR A 797 11.88 25.49 -18.66
C TYR A 797 12.27 26.86 -19.22
N TYR A 798 13.41 27.40 -18.78
CA TYR A 798 13.95 28.62 -19.37
C TYR A 798 14.36 28.41 -20.82
N GLU A 799 15.03 27.29 -21.09
CA GLU A 799 15.51 27.03 -22.45
C GLU A 799 14.37 26.70 -23.41
N VAL A 800 13.26 26.18 -22.91
CA VAL A 800 12.15 25.81 -23.78
C VAL A 800 11.15 26.96 -23.90
N ASN A 801 10.68 27.51 -22.79
CA ASN A 801 9.60 28.49 -22.79
C ASN A 801 10.08 29.93 -22.89
N HIS A 802 11.41 30.15 -22.96
CA HIS A 802 12.03 31.45 -23.24
C HIS A 802 11.64 32.52 -22.21
N CYS A 803 12.11 32.29 -20.98
CA CYS A 803 12.13 33.30 -19.90
C CYS A 803 10.73 33.71 -19.45
N LEU A 804 9.79 32.76 -19.40
CA LEU A 804 8.48 32.97 -18.80
C LEU A 804 8.13 31.83 -17.87
N PRO A 805 8.69 31.79 -16.66
CA PRO A 805 8.17 30.87 -15.64
C PRO A 805 7.20 31.55 -14.69
N GLU A 806 6.10 30.87 -14.38
CA GLU A 806 5.06 31.45 -13.52
C GLU A 806 4.77 30.64 -12.27
N LYS A 807 4.44 29.35 -12.39
CA LYS A 807 3.86 28.58 -11.30
C LYS A 807 4.59 27.26 -11.13
N ILE A 808 4.46 26.69 -9.94
CA ILE A 808 5.01 25.39 -9.60
C ILE A 808 3.95 24.61 -8.81
N VAL A 809 3.64 23.40 -9.27
CA VAL A 809 2.71 22.50 -8.58
C VAL A 809 3.47 21.21 -8.25
N VAL A 810 3.46 20.83 -6.98
CA VAL A 810 4.31 19.78 -6.45
C VAL A 810 3.43 18.64 -5.95
N TYR A 811 3.79 17.40 -6.32
CA TYR A 811 3.05 16.20 -5.93
C TYR A 811 4.02 15.21 -5.30
N ARG A 812 4.10 15.22 -3.97
CA ARG A 812 5.03 14.36 -3.25
C ARG A 812 4.37 13.03 -2.90
N ASP A 813 5.20 12.00 -2.75
CA ASP A 813 4.73 10.69 -2.36
C ASP A 813 4.22 10.70 -0.92
N GLY A 814 3.56 9.62 -0.54
CA GLY A 814 2.88 9.57 0.75
C GLY A 814 3.84 9.38 1.92
N VAL A 815 3.48 10.05 3.01
CA VAL A 815 4.27 9.92 4.23
C VAL A 815 3.29 9.73 5.38
N SER A 816 3.67 9.02 6.43
CA SER A 816 2.81 8.83 7.58
C SER A 816 2.36 10.11 8.14
N ASP A 817 1.17 10.15 8.70
CA ASP A 817 0.77 11.36 9.36
C ASP A 817 1.69 11.40 10.53
N GLY A 818 2.41 12.48 10.72
CA GLY A 818 3.42 12.49 11.74
C GLY A 818 4.71 12.58 10.98
N GLN A 819 4.62 12.88 9.69
CA GLN A 819 5.78 13.12 8.89
C GLN A 819 5.29 14.22 8.00
N LEU A 820 4.10 14.75 8.25
CA LEU A 820 3.51 15.82 7.41
C LEU A 820 4.09 17.15 7.79
N LYS A 821 4.37 17.33 9.07
CA LYS A 821 5.05 18.53 9.57
C LYS A 821 6.50 18.55 9.11
N THR A 822 7.16 17.38 9.15
CA THR A 822 8.52 17.26 8.62
C THR A 822 8.55 17.61 7.14
N VAL A 823 7.51 17.23 6.41
CA VAL A 823 7.38 17.68 5.03
C VAL A 823 7.03 19.17 4.99
N ALA A 824 6.11 19.61 5.85
CA ALA A 824 5.48 20.91 5.65
C ALA A 824 6.39 22.06 6.04
N ASN A 825 6.81 22.10 7.30
CA ASN A 825 7.51 23.26 7.84
C ASN A 825 9.03 23.13 7.77
N TYR A 826 9.56 22.03 7.23
CA TYR A 826 11.01 21.86 7.15
C TYR A 826 11.53 21.74 5.73
N GLU A 827 11.01 20.79 4.94
CA GLU A 827 11.59 20.50 3.64
C GLU A 827 11.20 21.55 2.60
N ILE A 828 9.95 21.98 2.62
CA ILE A 828 9.46 22.93 1.62
C ILE A 828 10.01 24.34 1.85
N PRO A 829 10.08 24.89 3.11
CA PRO A 829 10.88 26.12 3.28
C PRO A 829 12.35 25.84 3.51
N GLN A 830 12.88 24.90 2.75
CA GLN A 830 14.28 24.64 2.47
C GLN A 830 14.52 24.56 0.97
N LEU A 831 13.62 23.93 0.24
CA LEU A 831 13.67 23.94 -1.21
C LEU A 831 13.11 25.22 -1.81
N GLN A 832 12.35 26.01 -1.06
CA GLN A 832 11.90 27.30 -1.55
C GLN A 832 13.02 28.34 -1.52
N LYS A 833 14.12 28.06 -0.83
CA LYS A 833 15.30 28.91 -0.84
C LYS A 833 16.22 28.60 -2.01
N CYS A 834 15.97 27.52 -2.75
CA CYS A 834 16.75 27.19 -3.93
C CYS A 834 16.48 28.15 -5.07
N PHE A 835 15.31 28.80 -5.08
CA PHE A 835 14.94 29.77 -6.11
C PHE A 835 15.81 31.03 -6.10
N GLU A 836 16.55 31.28 -5.01
CA GLU A 836 17.44 32.42 -4.96
C GLU A 836 18.68 32.22 -5.85
N ALA A 837 18.98 30.98 -6.22
CA ALA A 837 20.04 30.74 -7.20
C ALA A 837 19.66 31.31 -8.56
N PHE A 838 18.39 31.16 -8.95
CA PHE A 838 17.89 31.85 -10.12
C PHE A 838 17.77 33.35 -9.85
N ASP A 839 17.80 34.14 -10.92
CA ASP A 839 17.85 35.59 -10.81
C ASP A 839 16.47 36.14 -10.42
N ASN A 840 16.30 36.36 -9.12
CA ASN A 840 15.12 36.98 -8.46
C ASN A 840 13.78 36.52 -9.04
N TYR A 841 13.53 35.21 -8.95
CA TYR A 841 12.29 34.62 -9.45
C TYR A 841 11.15 34.82 -8.45
N HIS A 842 11.28 34.26 -7.23
CA HIS A 842 10.28 34.28 -6.16
C HIS A 842 8.94 33.73 -6.66
N PRO A 843 8.82 32.41 -6.83
CA PRO A 843 7.63 31.84 -7.48
C PRO A 843 6.48 31.53 -6.52
N LYS A 844 5.43 30.95 -7.08
CA LYS A 844 4.36 30.32 -6.30
C LYS A 844 4.58 28.82 -6.27
N MET A 845 4.03 28.17 -5.24
CA MET A 845 4.31 26.76 -5.02
C MET A 845 3.14 26.13 -4.28
N VAL A 846 2.65 25.00 -4.80
CA VAL A 846 1.65 24.18 -4.13
C VAL A 846 2.20 22.76 -4.01
N VAL A 847 2.33 22.28 -2.77
CA VAL A 847 2.90 20.98 -2.49
C VAL A 847 1.80 20.09 -1.92
N PHE A 848 1.59 18.93 -2.54
CA PHE A 848 0.69 17.88 -2.11
C PHE A 848 1.46 16.76 -1.42
N VAL A 849 0.75 16.00 -0.60
CA VAL A 849 1.20 14.68 -0.17
C VAL A 849 0.13 13.69 -0.61
N VAL A 850 0.53 12.71 -1.41
CA VAL A 850 -0.41 11.82 -2.09
C VAL A 850 -0.38 10.47 -1.39
N GLN A 851 -1.45 10.14 -0.68
CA GLN A 851 -1.56 8.88 0.04
C GLN A 851 -2.53 7.96 -0.69
N LYS A 852 -2.06 6.79 -1.09
CA LYS A 852 -2.79 5.91 -2.00
C LYS A 852 -3.50 4.77 -1.28
N LYS A 853 -2.76 3.98 -0.50
CA LYS A 853 -3.34 2.82 0.19
C LYS A 853 -4.24 3.33 1.31
N ILE A 854 -5.55 3.27 1.07
CA ILE A 854 -6.55 3.82 1.96
C ILE A 854 -7.50 2.69 2.35
N SER A 855 -7.68 2.48 3.64
CA SER A 855 -8.57 1.41 4.08
C SER A 855 -10.02 1.86 4.17
N THR A 856 -10.29 3.14 3.94
CA THR A 856 -11.67 3.61 3.82
C THR A 856 -12.25 3.17 2.48
N ASN A 857 -13.46 2.62 2.52
CA ASN A 857 -14.15 2.15 1.34
C ASN A 857 -15.37 3.03 1.08
N LEU A 858 -15.80 3.07 -0.18
CA LEU A 858 -16.99 3.81 -0.59
C LEU A 858 -17.91 2.90 -1.37
N TYR A 859 -19.21 3.00 -1.12
CA TYR A 859 -20.21 2.30 -1.91
C TYR A 859 -21.29 3.30 -2.31
N LEU A 860 -21.68 3.27 -3.58
CA LEU A 860 -22.83 4.07 -4.02
C LEU A 860 -24.12 3.46 -3.49
N ALA A 861 -24.97 4.30 -2.90
CA ALA A 861 -26.24 3.83 -2.34
C ALA A 861 -27.32 3.93 -3.41
N ALA A 862 -27.27 2.99 -4.35
CA ALA A 862 -28.27 2.93 -5.40
C ALA A 862 -29.62 2.51 -4.80
N PRO A 863 -30.76 2.95 -5.40
CA PRO A 863 -32.08 2.74 -4.78
C PRO A 863 -32.46 1.29 -4.49
N ASP A 864 -31.79 0.34 -5.13
CA ASP A 864 -31.94 -1.05 -4.73
C ASP A 864 -30.98 -1.42 -3.60
N HIS A 865 -29.68 -1.17 -3.79
CA HIS A 865 -28.67 -1.64 -2.84
C HIS A 865 -27.37 -0.87 -3.06
N PHE A 866 -26.28 -1.36 -2.47
CA PHE A 866 -24.99 -0.69 -2.54
C PHE A 866 -24.19 -1.25 -3.70
N VAL A 867 -23.82 -0.37 -4.64
CA VAL A 867 -23.10 -0.74 -5.85
C VAL A 867 -21.76 -0.01 -5.90
N THR A 868 -20.98 -0.29 -6.95
CA THR A 868 -19.66 0.31 -7.13
C THR A 868 -19.80 1.81 -7.45
N PRO A 869 -19.04 2.67 -6.78
CA PRO A 869 -19.09 4.11 -7.09
C PRO A 869 -18.52 4.42 -8.46
N SER A 870 -19.07 5.47 -9.08
CA SER A 870 -18.65 5.93 -10.39
C SER A 870 -17.27 6.60 -10.29
N PRO A 871 -16.43 6.46 -11.32
CA PRO A 871 -15.12 7.11 -11.29
C PRO A 871 -15.22 8.63 -11.31
N GLY A 872 -14.32 9.28 -10.58
CA GLY A 872 -14.33 10.70 -10.43
C GLY A 872 -15.04 11.21 -9.18
N THR A 873 -15.02 10.46 -8.09
CA THR A 873 -15.76 10.78 -6.89
C THR A 873 -14.82 11.43 -5.87
N VAL A 874 -15.25 12.56 -5.30
CA VAL A 874 -14.45 13.32 -4.35
C VAL A 874 -15.16 13.35 -3.02
N VAL A 875 -14.48 12.89 -1.97
CA VAL A 875 -14.88 13.11 -0.59
C VAL A 875 -13.87 14.08 0.00
N ASP A 876 -14.25 15.35 0.12
CA ASP A 876 -13.36 16.40 0.60
C ASP A 876 -13.61 16.76 2.05
N HIS A 877 -14.41 15.97 2.76
CA HIS A 877 -14.83 16.31 4.11
C HIS A 877 -15.16 15.04 4.88
N THR A 878 -15.18 15.18 6.20
CA THR A 878 -15.79 14.26 7.18
C THR A 878 -15.01 12.95 7.33
N ILE A 879 -14.05 12.68 6.44
CA ILE A 879 -13.29 11.44 6.50
C ILE A 879 -11.80 11.81 6.39
N THR A 880 -11.53 13.11 6.31
CA THR A 880 -10.19 13.65 6.10
C THR A 880 -9.57 14.11 7.43
N SER A 881 -8.28 14.43 7.37
CA SER A 881 -7.54 14.83 8.57
C SER A 881 -8.02 16.18 9.09
N CYS A 882 -7.95 16.35 10.41
CA CYS A 882 -8.45 17.56 11.03
C CYS A 882 -7.52 18.75 10.80
N GLU A 883 -6.21 18.52 10.91
CA GLU A 883 -5.28 19.64 10.91
C GLU A 883 -5.09 20.23 9.51
N TRP A 884 -5.00 19.38 8.50
CA TRP A 884 -4.61 19.80 7.16
C TRP A 884 -5.81 19.87 6.22
N VAL A 885 -5.53 20.37 5.02
CA VAL A 885 -6.50 20.35 3.92
C VAL A 885 -6.20 19.14 3.05
N ASP A 886 -7.21 18.31 2.81
CA ASP A 886 -7.01 17.06 2.09
C ASP A 886 -8.34 16.57 1.54
N PHE A 887 -8.26 15.62 0.61
CA PHE A 887 -9.46 15.01 0.05
C PHE A 887 -9.13 13.63 -0.51
N TYR A 888 -10.17 12.81 -0.64
CA TYR A 888 -10.07 11.47 -1.20
C TYR A 888 -10.75 11.46 -2.57
N LEU A 889 -10.05 10.92 -3.57
CA LEU A 889 -10.55 10.90 -4.94
C LEU A 889 -10.49 9.48 -5.48
N LEU A 890 -11.66 8.96 -5.87
CA LEU A 890 -11.78 7.70 -6.60
C LEU A 890 -11.91 8.02 -8.08
N ALA A 891 -10.83 7.82 -8.83
CA ALA A 891 -10.73 8.28 -10.21
C ALA A 891 -10.37 7.14 -11.14
N HIS A 892 -11.07 6.02 -11.01
CA HIS A 892 -10.76 4.85 -11.82
C HIS A 892 -12.00 3.96 -11.90
N HIS A 893 -12.01 3.10 -12.92
CA HIS A 893 -13.08 2.13 -13.11
C HIS A 893 -12.80 0.91 -12.23
N VAL A 894 -13.77 0.55 -11.41
CA VAL A 894 -13.65 -0.58 -10.49
C VAL A 894 -14.59 -1.67 -10.96
N ARG A 895 -14.03 -2.83 -11.30
CA ARG A 895 -14.82 -3.99 -11.69
C ARG A 895 -14.86 -5.07 -10.62
N GLN A 896 -13.86 -5.12 -9.75
CA GLN A 896 -13.78 -6.11 -8.69
C GLN A 896 -13.82 -5.41 -7.34
N GLY A 897 -14.74 -5.84 -6.47
CA GLY A 897 -14.82 -5.34 -5.11
C GLY A 897 -15.22 -3.88 -5.04
N CYS A 898 -14.70 -3.20 -4.02
CA CYS A 898 -14.93 -1.79 -3.81
C CYS A 898 -13.62 -1.04 -4.00
N GLY A 899 -13.69 0.13 -4.63
CA GLY A 899 -12.48 0.87 -4.97
C GLY A 899 -11.82 1.51 -3.76
N ILE A 900 -10.59 1.94 -3.98
CA ILE A 900 -9.77 2.63 -2.98
C ILE A 900 -9.65 4.09 -3.41
N PRO A 901 -10.28 5.02 -2.70
CA PRO A 901 -10.02 6.44 -2.97
C PRO A 901 -8.61 6.81 -2.55
N THR A 902 -8.08 7.85 -3.19
CA THR A 902 -6.69 8.27 -2.97
C THR A 902 -6.68 9.58 -2.19
N HIS A 903 -5.85 9.62 -1.14
CA HIS A 903 -5.77 10.75 -0.23
C HIS A 903 -4.73 11.74 -0.72
N TYR A 904 -5.14 12.99 -0.93
CA TYR A 904 -4.27 14.08 -1.34
C TYR A 904 -4.31 15.14 -0.25
N ILE A 905 -3.16 15.41 0.36
CA ILE A 905 -3.03 16.39 1.43
C ILE A 905 -2.19 17.54 0.92
N CYS A 906 -2.78 18.73 0.84
CA CYS A 906 -2.08 19.93 0.39
C CYS A 906 -1.31 20.52 1.58
N VAL A 907 0.01 20.26 1.61
CA VAL A 907 0.80 20.78 2.72
C VAL A 907 1.30 22.20 2.44
N LEU A 908 1.36 22.62 1.18
CA LEU A 908 1.69 24.00 0.87
C LEU A 908 0.74 24.53 -0.18
N ASN A 909 0.16 25.71 0.09
CA ASN A 909 -0.78 26.35 -0.84
C ASN A 909 -0.46 27.84 -0.98
N THR A 910 0.81 28.16 -1.25
CA THR A 910 1.20 29.56 -1.44
C THR A 910 0.61 30.17 -2.69
N ALA A 911 0.20 29.37 -3.67
CA ALA A 911 -0.41 29.89 -4.88
C ALA A 911 -1.91 30.13 -4.73
N ASN A 912 -2.46 29.92 -3.52
CA ASN A 912 -3.85 30.19 -3.19
C ASN A 912 -4.81 29.41 -4.08
N LEU A 913 -4.50 28.13 -4.31
CA LEU A 913 -5.40 27.27 -5.08
C LEU A 913 -6.65 26.96 -4.28
N SER A 914 -7.81 27.09 -4.93
CA SER A 914 -9.05 26.62 -4.33
C SER A 914 -9.05 25.10 -4.28
N PRO A 915 -9.80 24.50 -3.34
CA PRO A 915 -9.89 23.02 -3.31
C PRO A 915 -10.48 22.43 -4.59
N ASP A 916 -11.46 23.11 -5.19
CA ASP A 916 -12.07 22.61 -6.42
C ASP A 916 -11.08 22.60 -7.58
N HIS A 917 -10.35 23.71 -7.76
CA HIS A 917 -9.36 23.79 -8.82
C HIS A 917 -8.22 22.81 -8.61
N MET A 918 -7.80 22.63 -7.35
CA MET A 918 -6.68 21.74 -7.06
C MET A 918 -7.06 20.27 -7.26
N GLN A 919 -8.30 19.88 -6.90
CA GLN A 919 -8.68 18.50 -7.16
C GLN A 919 -9.07 18.27 -8.61
N ARG A 920 -9.54 19.31 -9.32
CA ARG A 920 -9.76 19.18 -10.75
C ARG A 920 -8.43 19.03 -11.50
N LEU A 921 -7.39 19.73 -11.04
CA LEU A 921 -6.06 19.54 -11.60
C LEU A 921 -5.54 18.14 -11.30
N THR A 922 -5.82 17.62 -10.10
CA THR A 922 -5.43 16.25 -9.76
C THR A 922 -6.15 15.24 -10.66
N PHE A 923 -7.44 15.44 -10.91
CA PHE A 923 -8.18 14.54 -11.80
C PHE A 923 -7.71 14.68 -13.25
N LYS A 924 -7.38 15.91 -13.67
CA LYS A 924 -6.84 16.15 -15.00
C LYS A 924 -5.54 15.41 -15.22
N LEU A 925 -4.68 15.40 -14.20
CA LEU A 925 -3.47 14.59 -14.27
C LEU A 925 -3.76 13.10 -14.10
N CYS A 926 -4.89 12.74 -13.49
CA CYS A 926 -5.29 11.34 -13.49
C CYS A 926 -5.64 10.88 -14.90
N HIS A 927 -6.21 11.77 -15.71
CA HIS A 927 -6.41 11.46 -17.12
C HIS A 927 -5.10 11.38 -17.90
N MET A 928 -4.07 12.11 -17.45
CA MET A 928 -2.89 12.40 -18.27
C MET A 928 -1.93 11.22 -18.39
N TYR A 929 -2.13 10.14 -17.65
CA TYR A 929 -1.19 9.03 -17.68
C TYR A 929 -1.32 8.27 -18.99
N TRP A 930 -0.22 8.17 -19.73
CA TRP A 930 -0.24 7.69 -21.10
C TRP A 930 -0.02 6.19 -21.23
N ASN A 931 0.30 5.48 -20.16
CA ASN A 931 0.50 4.04 -20.22
C ASN A 931 -0.79 3.27 -19.98
N TRP A 932 -1.90 3.96 -19.74
CA TRP A 932 -3.20 3.34 -19.61
C TRP A 932 -4.24 4.23 -20.28
N PRO A 933 -4.97 3.72 -21.26
CA PRO A 933 -5.97 4.55 -21.94
C PRO A 933 -7.21 4.81 -21.11
N GLY A 934 -7.03 5.52 -20.00
CA GLY A 934 -8.11 5.80 -19.08
C GLY A 934 -7.55 6.52 -17.87
N THR A 935 -8.42 6.77 -16.90
CA THR A 935 -8.02 7.47 -15.70
C THR A 935 -7.49 6.49 -14.66
N ILE A 936 -6.59 6.98 -13.81
CA ILE A 936 -6.01 6.20 -12.73
C ILE A 936 -6.28 6.94 -11.42
N ARG A 937 -5.94 6.29 -10.30
CA ARG A 937 -6.23 6.86 -8.99
C ARG A 937 -5.30 8.01 -8.62
N VAL A 938 -4.09 8.06 -9.19
CA VAL A 938 -3.09 9.05 -8.81
C VAL A 938 -2.86 9.99 -10.00
N PRO A 939 -2.28 11.17 -9.80
CA PRO A 939 -1.89 12.00 -10.94
C PRO A 939 -0.80 11.35 -11.78
N ALA A 940 -0.78 11.73 -13.06
CA ALA A 940 0.27 11.26 -13.96
C ALA A 940 1.69 11.60 -13.52
N PRO A 941 2.03 12.83 -13.06
CA PRO A 941 3.40 13.04 -12.55
C PRO A 941 3.75 12.18 -11.35
N CYS A 942 2.78 11.82 -10.51
CA CYS A 942 3.05 10.94 -9.38
C CYS A 942 3.46 9.55 -9.85
N LYS A 943 2.71 8.98 -10.80
CA LYS A 943 3.06 7.66 -11.30
C LYS A 943 4.29 7.71 -12.20
N TYR A 944 4.51 8.83 -12.89
CA TYR A 944 5.75 9.03 -13.65
C TYR A 944 6.96 9.00 -12.73
N ALA A 945 6.88 9.74 -11.62
CA ALA A 945 7.97 9.75 -10.65
C ALA A 945 8.11 8.39 -9.97
N HIS A 946 7.00 7.69 -9.76
CA HIS A 946 7.07 6.35 -9.18
C HIS A 946 7.79 5.38 -10.09
N LYS A 947 7.48 5.41 -11.39
CA LYS A 947 8.17 4.55 -12.35
C LYS A 947 9.64 4.94 -12.48
N LEU A 948 9.93 6.25 -12.48
CA LEU A 948 11.31 6.71 -12.60
C LEU A 948 12.14 6.33 -11.37
N ALA A 949 11.59 6.51 -10.16
CA ALA A 949 12.30 6.14 -8.95
C ALA A 949 12.39 4.62 -8.82
N PHE A 950 11.37 3.90 -9.32
CA PHE A 950 11.43 2.44 -9.39
C PHE A 950 12.58 1.99 -10.28
N LEU A 951 12.75 2.67 -11.42
CA LEU A 951 13.88 2.40 -12.31
C LEU A 951 15.20 2.65 -11.61
N SER A 952 15.36 3.84 -11.04
CA SER A 952 16.65 4.18 -10.44
C SER A 952 16.88 3.45 -9.12
N GLY A 953 15.86 2.79 -8.56
CA GLY A 953 16.03 1.96 -7.40
C GLY A 953 16.43 0.54 -7.70
N GLN A 954 15.63 -0.19 -8.49
CA GLN A 954 15.92 -1.60 -8.73
C GLN A 954 16.28 -1.93 -10.17
N ILE A 955 16.13 -0.98 -11.10
CA ILE A 955 16.23 -1.30 -12.51
C ILE A 955 17.45 -0.58 -13.11
N LEU A 956 17.85 0.52 -12.49
CA LEU A 956 19.00 1.30 -12.97
C LEU A 956 20.14 1.37 -11.98
N HIS A 957 19.85 1.69 -10.70
CA HIS A 957 20.86 2.06 -9.69
C HIS A 957 21.77 3.19 -10.18
N HIS A 958 21.21 4.13 -10.93
CA HIS A 958 22.00 5.17 -11.57
C HIS A 958 21.07 6.30 -11.99
N GLU A 959 21.64 7.49 -12.13
CA GLU A 959 20.90 8.60 -12.71
C GLU A 959 20.67 8.35 -14.20
N PRO A 960 19.48 8.65 -14.72
CA PRO A 960 19.23 8.44 -16.15
C PRO A 960 20.02 9.42 -17.00
N ALA A 961 20.29 9.00 -18.24
CA ALA A 961 21.01 9.84 -19.17
C ALA A 961 20.17 11.04 -19.58
N ILE A 962 20.82 12.21 -19.67
CA ILE A 962 20.12 13.47 -19.89
C ILE A 962 19.52 13.56 -21.29
N GLN A 963 19.99 12.74 -22.23
CA GLN A 963 19.47 12.76 -23.60
C GLN A 963 18.01 12.33 -23.65
N LEU A 964 17.64 11.31 -22.87
CA LEU A 964 16.28 10.81 -22.84
C LEU A 964 15.39 11.51 -21.83
N CYS A 965 15.94 12.41 -21.03
CA CYS A 965 15.17 13.03 -19.95
C CYS A 965 14.09 13.98 -20.45
N GLY A 966 14.17 14.44 -21.70
CA GLY A 966 13.09 15.21 -22.28
C GLY A 966 11.89 14.39 -22.73
N ASN A 967 12.04 13.06 -22.75
CA ASN A 967 10.99 12.15 -23.17
C ASN A 967 10.47 11.36 -21.98
N LEU A 968 9.30 10.76 -22.15
CA LEU A 968 8.75 9.83 -21.16
C LEU A 968 9.25 8.41 -21.43
N PHE A 969 10.55 8.24 -21.24
CA PHE A 969 11.24 6.99 -21.55
C PHE A 969 10.94 5.87 -20.56
N PHE A 970 10.35 6.18 -19.41
CA PHE A 970 10.20 5.21 -18.33
C PHE A 970 8.84 4.52 -18.31
N LEU A 971 7.99 4.78 -19.29
CA LEU A 971 6.62 4.27 -19.27
C LEU A 971 6.54 2.74 -19.41
N1 OMC B 26 18.11 22.79 38.91
C2 OMC B 26 17.19 21.73 39.01
N3 OMC B 26 17.67 20.50 39.26
C4 OMC B 26 18.97 20.28 39.41
C5 OMC B 26 19.92 21.33 39.32
C6 OMC B 26 19.44 22.56 39.07
O2 OMC B 26 16.00 21.94 38.87
N4 OMC B 26 19.37 19.03 39.66
C1' OMC B 26 17.68 24.18 38.64
C2' OMC B 26 17.90 25.13 39.82
O2' OMC B 26 16.83 25.08 40.73
CM2 OMC B 26 17.07 24.26 41.85
C3' OMC B 26 18.07 26.46 39.10
C4' OMC B 26 18.83 26.06 37.84
O4' OMC B 26 18.47 24.68 37.58
O3' OMC B 26 16.79 26.97 38.74
C5' OMC B 26 20.33 26.17 37.92
O5' OMC B 26 20.97 25.63 36.77
P OMC B 26 22.37 24.87 36.88
OP1 OMC B 26 23.45 25.92 37.11
OP2 OMC B 26 22.22 23.72 37.86
MN MN D . 5.80 5.72 -4.46
#